data_9GZJ
#
_entry.id   9GZJ
#
_cell.length_a   83.248
_cell.length_b   103.386
_cell.length_c   178.560
_cell.angle_alpha   90.000
_cell.angle_beta   90.000
_cell.angle_gamma   90.000
#
_symmetry.space_group_name_H-M   'P 21 21 21'
#
loop_
_entity.id
_entity.type
_entity.pdbx_description
1 polymer Glycosyltransferase
2 non-polymer (Ribitol-phosphate)3-(CH2)6-NH2
3 non-polymer 'MAGNESIUM ION'
4 non-polymer GLYCEROL
5 water water
#
_entity_poly.entity_id   1
_entity_poly.type   'polypeptide(L)'
_entity_poly.pdbx_seq_one_letter_code
;GMRNLKDRVLNSLKGNKKDIKISVVVPTYNTELEGLKNLMASIDKQTMNPDEYELVFVDDGSTTDTYERLQEFAETRPNM
TVKQIENSGWGSRPRNIATKMAKGEYILYLDHDDTVFPETFERVYNFGKENNLDVVSGKEVRTNGWSWGWKQFSENNPHA
EEMGIECLLPMTPHKFYKREFLLENDITFDDGARVLWEDVYFNSKAFIHGAKVGILADYPTYYWIATGANNSSSFGRDPH
EKWNQINKLFNFFKDNIKEQRDLDFMLTHWYRSRVLGILGQWLLKNNNERIDIEFNYAKKLAEELIPAYISENLDKNNQV
KDYLLRQGDLDSLKKLAQIDAGITALSYVEDAYFKEDKLFFKTSTKMTYEDKEDFFIEKTADRMERILPEEIKSKLPKEF
FDYSDDLAEFTYEPSIKGRNSRATWKIDGSTSNVEVVNKKANLYKIEGEMSFSVQINDYILDAADKKQPWDIATRFTGLG
YTSHRALTIGKILIKTALINNKTMIVYKNASGLISLDVGSSVRSIVEDSGVKREQILIDKTSGKVTIPLNEIHVFGESLI
EGNAELKPVGISDADPINVKAKLIGEANKARVEVLLGDEKLSGEYHLVTNIQGKKDKQQIKITL
;
_entity_poly.pdbx_strand_id   A,B
#
# COMPACT_ATOMS: atom_id res chain seq x y z
N LYS A 17 0.73 -14.77 -58.48
CA LYS A 17 -0.03 -15.83 -57.82
C LYS A 17 -1.22 -15.22 -57.07
N LYS A 18 -1.34 -15.53 -55.77
CA LYS A 18 -2.44 -15.04 -54.97
C LYS A 18 -2.05 -13.72 -54.29
N ASP A 19 -2.97 -12.76 -54.33
CA ASP A 19 -2.68 -11.42 -53.83
C ASP A 19 -2.44 -11.44 -52.32
N ILE A 20 -1.48 -10.64 -51.89
CA ILE A 20 -1.10 -10.56 -50.48
C ILE A 20 -1.89 -9.44 -49.83
N LYS A 21 -2.67 -9.77 -48.80
CA LYS A 21 -3.45 -8.77 -48.10
C LYS A 21 -2.62 -7.96 -47.12
N ILE A 22 -1.72 -8.62 -46.39
CA ILE A 22 -1.01 -8.00 -45.29
C ILE A 22 0.47 -8.36 -45.35
N SER A 23 1.33 -7.36 -45.26
CA SER A 23 2.76 -7.54 -45.10
C SER A 23 3.13 -7.07 -43.70
N VAL A 24 3.75 -7.97 -42.94
CA VAL A 24 4.17 -7.69 -41.58
C VAL A 24 5.67 -7.44 -41.60
N VAL A 25 6.11 -6.22 -41.32
CA VAL A 25 7.53 -5.92 -41.33
C VAL A 25 8.05 -5.87 -39.90
N VAL A 26 9.11 -6.64 -39.65
CA VAL A 26 9.70 -6.83 -38.34
C VAL A 26 11.20 -6.54 -38.48
N PRO A 27 11.70 -5.44 -37.94
CA PRO A 27 13.15 -5.23 -37.90
C PRO A 27 13.77 -6.08 -36.79
N THR A 28 14.98 -6.57 -37.04
CA THR A 28 15.71 -7.35 -36.04
C THR A 28 17.13 -6.81 -35.89
N TYR A 29 17.77 -7.19 -34.78
CA TYR A 29 19.18 -6.90 -34.55
C TYR A 29 19.69 -7.79 -33.42
N ASN A 30 20.62 -8.69 -33.73
CA ASN A 30 21.09 -9.69 -32.76
C ASN A 30 19.92 -10.34 -32.04
N THR A 31 18.90 -10.74 -32.81
CA THR A 31 17.66 -11.27 -32.27
C THR A 31 17.71 -12.78 -32.37
N GLU A 32 17.74 -13.45 -31.21
CA GLU A 32 17.75 -14.91 -31.22
C GLU A 32 16.39 -15.44 -31.63
N LEU A 33 16.40 -16.64 -32.21
CA LEU A 33 15.16 -17.28 -32.62
C LEU A 33 14.19 -17.46 -31.45
N GLU A 34 14.72 -17.71 -30.25
CA GLU A 34 13.87 -17.89 -29.08
C GLU A 34 13.09 -16.62 -28.75
N GLY A 35 13.68 -15.45 -29.00
CA GLY A 35 12.98 -14.20 -28.80
C GLY A 35 11.85 -13.94 -29.78
N LEU A 36 11.70 -14.77 -30.80
CA LEU A 36 10.62 -14.62 -31.78
C LEU A 36 9.56 -15.70 -31.63
N LYS A 37 9.65 -16.57 -30.62
CA LYS A 37 8.68 -17.66 -30.49
C LYS A 37 7.26 -17.13 -30.32
N ASN A 38 7.06 -16.19 -29.41
CA ASN A 38 5.72 -15.67 -29.15
C ASN A 38 5.18 -14.92 -30.36
N LEU A 39 6.00 -14.07 -30.97
CA LEU A 39 5.60 -13.37 -32.19
C LEU A 39 5.16 -14.36 -33.26
N MET A 40 6.05 -15.30 -33.62
CA MET A 40 5.74 -16.26 -34.67
C MET A 40 4.50 -17.07 -34.32
N ALA A 41 4.31 -17.42 -33.05
CA ALA A 41 3.11 -18.15 -32.67
C ALA A 41 1.86 -17.31 -32.90
N SER A 42 1.90 -16.02 -32.54
CA SER A 42 0.71 -15.19 -32.70
C SER A 42 0.38 -14.98 -34.17
N ILE A 43 1.39 -15.00 -35.04
CA ILE A 43 1.13 -14.90 -36.47
C ILE A 43 0.61 -16.23 -37.01
N ASP A 44 1.20 -17.34 -36.57
CA ASP A 44 0.78 -18.65 -37.06
C ASP A 44 -0.67 -18.94 -36.73
N LYS A 45 -1.17 -18.41 -35.61
CA LYS A 45 -2.53 -18.66 -35.18
C LYS A 45 -3.54 -17.71 -35.81
N GLN A 46 -3.10 -16.84 -36.73
CA GLN A 46 -4.05 -15.99 -37.45
C GLN A 46 -5.08 -16.84 -38.17
N THR A 47 -6.34 -16.41 -38.11
CA THR A 47 -7.40 -17.06 -38.88
C THR A 47 -7.21 -16.87 -40.37
N MET A 48 -6.57 -15.78 -40.78
CA MET A 48 -6.33 -15.54 -42.19
C MET A 48 -5.39 -16.60 -42.75
N ASN A 49 -5.69 -17.05 -43.96
CA ASN A 49 -4.89 -18.09 -44.59
C ASN A 49 -3.46 -17.59 -44.78
N PRO A 50 -2.45 -18.42 -44.46
CA PRO A 50 -1.05 -17.94 -44.53
C PRO A 50 -0.60 -17.55 -45.93
N ASP A 51 -1.21 -18.06 -46.99
CA ASP A 51 -0.83 -17.59 -48.32
C ASP A 51 -1.47 -16.25 -48.70
N GLU A 52 -2.16 -15.59 -47.77
CA GLU A 52 -2.69 -14.24 -48.01
C GLU A 52 -1.95 -13.16 -47.23
N TYR A 53 -0.94 -13.52 -46.45
CA TYR A 53 -0.08 -12.53 -45.81
C TYR A 53 1.37 -12.97 -45.94
N GLU A 54 2.29 -12.04 -45.71
CA GLU A 54 3.70 -12.31 -45.78
C GLU A 54 4.40 -11.62 -44.61
N LEU A 55 5.56 -12.16 -44.25
CA LEU A 55 6.42 -11.61 -43.22
C LEU A 55 7.68 -11.09 -43.89
N VAL A 56 8.09 -9.88 -43.53
CA VAL A 56 9.30 -9.27 -44.08
C VAL A 56 10.16 -8.87 -42.89
N PHE A 57 11.17 -9.69 -42.59
CA PHE A 57 12.14 -9.39 -41.56
C PHE A 57 13.35 -8.73 -42.20
N VAL A 58 13.78 -7.59 -41.66
CA VAL A 58 14.99 -6.92 -42.10
C VAL A 58 15.93 -6.80 -40.91
N ASP A 59 17.12 -7.36 -41.05
CA ASP A 59 18.09 -7.36 -39.97
C ASP A 59 19.01 -6.16 -40.11
N ASP A 60 19.20 -5.42 -39.02
CA ASP A 60 19.97 -4.18 -39.02
C ASP A 60 21.46 -4.44 -38.80
N GLY A 61 22.03 -5.34 -39.60
CA GLY A 61 23.46 -5.59 -39.56
C GLY A 61 23.97 -6.24 -38.29
N SER A 62 23.30 -7.32 -37.88
CA SER A 62 23.71 -8.06 -36.69
C SER A 62 25.18 -8.45 -36.76
N THR A 63 25.84 -8.44 -35.59
CA THR A 63 27.25 -8.82 -35.50
C THR A 63 27.44 -10.24 -34.99
N THR A 64 26.43 -10.83 -34.37
CA THR A 64 26.50 -12.20 -33.88
C THR A 64 26.07 -13.14 -35.02
N ASP A 65 25.69 -14.37 -34.68
CA ASP A 65 25.26 -15.35 -35.67
C ASP A 65 23.74 -15.50 -35.72
N THR A 66 23.00 -14.54 -35.16
CA THR A 66 21.55 -14.66 -35.12
C THR A 66 20.92 -14.53 -36.49
N TYR A 67 21.59 -13.87 -37.44
CA TYR A 67 20.99 -13.70 -38.75
C TYR A 67 20.99 -15.01 -39.53
N GLU A 68 22.07 -15.78 -39.43
CA GLU A 68 22.14 -17.08 -40.10
C GLU A 68 20.97 -17.96 -39.67
N ARG A 69 20.72 -18.05 -38.37
CA ARG A 69 19.65 -18.92 -37.91
C ARG A 69 18.28 -18.39 -38.31
N LEU A 70 18.14 -17.07 -38.46
CA LEU A 70 16.90 -16.51 -38.98
C LEU A 70 16.68 -16.89 -40.43
N GLN A 71 17.73 -16.84 -41.26
CA GLN A 71 17.56 -17.20 -42.66
C GLN A 71 17.30 -18.69 -42.83
N GLU A 72 17.93 -19.53 -42.01
CA GLU A 72 17.63 -20.96 -42.05
C GLU A 72 16.17 -21.21 -41.66
N PHE A 73 15.70 -20.55 -40.61
CA PHE A 73 14.30 -20.65 -40.20
C PHE A 73 13.36 -20.26 -41.33
N ALA A 74 13.65 -19.16 -42.02
CA ALA A 74 12.79 -18.65 -43.07
C ALA A 74 12.75 -19.55 -44.30
N GLU A 75 13.68 -20.49 -44.44
CA GLU A 75 13.67 -21.39 -45.58
C GLU A 75 12.50 -22.36 -45.54
N THR A 76 11.92 -22.58 -44.36
CA THR A 76 10.80 -23.50 -44.19
C THR A 76 9.45 -22.80 -44.28
N ARG A 77 9.42 -21.50 -44.54
CA ARG A 77 8.18 -20.73 -44.56
C ARG A 77 8.14 -19.89 -45.85
N PRO A 78 7.39 -20.35 -46.86
CA PRO A 78 7.36 -19.60 -48.14
C PRO A 78 6.87 -18.17 -48.00
N ASN A 79 6.03 -17.86 -47.03
CA ASN A 79 5.52 -16.50 -46.92
C ASN A 79 6.43 -15.57 -46.10
N MET A 80 7.60 -16.06 -45.69
CA MET A 80 8.54 -15.26 -44.90
C MET A 80 9.78 -14.95 -45.73
N THR A 81 10.12 -13.67 -45.82
CA THR A 81 11.33 -13.21 -46.48
C THR A 81 12.21 -12.52 -45.45
N VAL A 82 13.52 -12.69 -45.59
CA VAL A 82 14.49 -12.22 -44.63
C VAL A 82 15.59 -11.48 -45.37
N LYS A 83 15.97 -10.31 -44.86
CA LYS A 83 17.02 -9.50 -45.48
C LYS A 83 17.86 -8.85 -44.39
N GLN A 84 19.11 -8.56 -44.72
CA GLN A 84 20.02 -7.86 -43.81
C GLN A 84 20.67 -6.69 -44.54
N ILE A 85 20.67 -5.54 -43.89
CA ILE A 85 21.32 -4.35 -44.42
C ILE A 85 22.50 -4.00 -43.53
N GLU A 86 23.32 -3.05 -44.00
CA GLU A 86 24.37 -2.50 -43.17
C GLU A 86 23.75 -1.87 -41.92
N ASN A 87 24.47 -1.95 -40.80
CA ASN A 87 23.92 -1.47 -39.54
C ASN A 87 23.70 0.03 -39.59
N SER A 88 22.45 0.45 -39.39
CA SER A 88 22.10 1.87 -39.36
C SER A 88 22.03 2.43 -37.95
N GLY A 89 21.61 1.63 -36.97
CA GLY A 89 21.55 2.08 -35.59
C GLY A 89 20.18 1.92 -34.94
N TRP A 90 19.12 2.02 -35.74
CA TRP A 90 17.77 1.87 -35.22
C TRP A 90 16.90 1.26 -36.31
N GLY A 91 15.63 1.06 -36.00
CA GLY A 91 14.71 0.34 -36.87
C GLY A 91 14.03 1.12 -37.97
N SER A 92 14.36 2.40 -38.14
CA SER A 92 13.73 3.21 -39.18
C SER A 92 14.12 2.71 -40.57
N ARG A 93 15.42 2.63 -40.85
CA ARG A 93 15.83 2.14 -42.17
C ARG A 93 15.41 0.70 -42.42
N PRO A 94 15.50 -0.23 -41.47
CA PRO A 94 14.88 -1.56 -41.70
C PRO A 94 13.40 -1.49 -42.04
N ARG A 95 12.62 -0.70 -41.32
CA ARG A 95 11.20 -0.56 -41.67
C ARG A 95 11.03 -0.03 -43.09
N ASN A 96 11.81 0.99 -43.47
CA ASN A 96 11.66 1.59 -44.79
C ASN A 96 12.01 0.60 -45.90
N ILE A 97 13.13 -0.11 -45.74
CA ILE A 97 13.56 -1.08 -46.75
C ILE A 97 12.57 -2.24 -46.84
N ALA A 98 12.09 -2.73 -45.69
CA ALA A 98 11.06 -3.76 -45.69
C ALA A 98 9.81 -3.29 -46.42
N THR A 99 9.48 -2.00 -46.28
CA THR A 99 8.28 -1.47 -46.91
C THR A 99 8.41 -1.48 -48.43
N LYS A 100 9.60 -1.16 -48.94
CA LYS A 100 9.81 -1.18 -50.38
C LYS A 100 9.79 -2.58 -50.98
N MET A 101 10.04 -3.62 -50.19
CA MET A 101 9.98 -4.97 -50.72
C MET A 101 8.68 -5.69 -50.38
N ALA A 102 7.84 -5.10 -49.53
CA ALA A 102 6.54 -5.69 -49.23
C ALA A 102 5.67 -5.70 -50.49
N LYS A 103 4.77 -6.69 -50.54
CA LYS A 103 3.82 -6.81 -51.64
C LYS A 103 2.37 -6.66 -51.19
N GLY A 104 2.10 -6.61 -49.88
CA GLY A 104 0.74 -6.67 -49.40
C GLY A 104 0.00 -5.36 -49.59
N GLU A 105 -1.34 -5.46 -49.62
CA GLU A 105 -2.15 -4.27 -49.70
C GLU A 105 -1.92 -3.39 -48.47
N TYR A 106 -1.89 -3.98 -47.28
CA TYR A 106 -1.65 -3.26 -46.04
C TYR A 106 -0.34 -3.70 -45.39
N ILE A 107 0.29 -2.78 -44.66
CA ILE A 107 1.54 -3.04 -43.96
C ILE A 107 1.33 -2.82 -42.47
N LEU A 108 1.75 -3.80 -41.68
CA LEU A 108 1.79 -3.68 -40.23
C LEU A 108 3.24 -3.64 -39.76
N TYR A 109 3.58 -2.62 -38.98
CA TYR A 109 4.92 -2.52 -38.39
C TYR A 109 4.87 -3.20 -37.03
N LEU A 110 5.34 -4.44 -36.98
CA LEU A 110 5.28 -5.27 -35.78
C LEU A 110 6.68 -5.40 -35.21
N ASP A 111 6.87 -4.88 -33.99
CA ASP A 111 8.15 -4.97 -33.31
C ASP A 111 8.30 -6.36 -32.69
N HIS A 112 9.53 -6.86 -32.67
CA HIS A 112 9.75 -8.29 -32.43
C HIS A 112 9.37 -8.72 -31.01
N ASP A 113 9.26 -7.80 -30.07
CA ASP A 113 8.79 -8.11 -28.72
C ASP A 113 7.28 -8.19 -28.60
N ASP A 114 6.52 -7.90 -29.66
CA ASP A 114 5.08 -7.77 -29.58
C ASP A 114 4.38 -8.95 -30.24
N THR A 115 3.08 -9.04 -30.02
CA THR A 115 2.26 -10.11 -30.59
C THR A 115 0.95 -9.52 -31.10
N VAL A 116 0.25 -10.32 -31.90
CA VAL A 116 -0.99 -9.92 -32.55
C VAL A 116 -2.06 -10.94 -32.19
N PHE A 117 -3.32 -10.47 -32.01
CA PHE A 117 -4.41 -11.34 -31.60
C PHE A 117 -4.92 -12.17 -32.79
N PRO A 118 -5.51 -13.33 -32.53
CA PRO A 118 -5.64 -14.33 -33.60
C PRO A 118 -6.56 -13.92 -34.75
N GLU A 119 -7.56 -13.06 -34.52
CA GLU A 119 -8.44 -12.63 -35.59
C GLU A 119 -8.07 -11.24 -36.15
N THR A 120 -6.90 -10.73 -35.81
CA THR A 120 -6.55 -9.36 -36.19
C THR A 120 -6.49 -9.19 -37.70
N PHE A 121 -5.71 -10.04 -38.39
CA PHE A 121 -5.50 -9.85 -39.82
C PHE A 121 -6.82 -9.88 -40.59
N GLU A 122 -7.71 -10.81 -40.23
CA GLU A 122 -8.98 -10.94 -40.92
C GLU A 122 -9.88 -9.74 -40.67
N ARG A 123 -10.02 -9.35 -39.40
CA ARG A 123 -10.92 -8.24 -39.08
C ARG A 123 -10.40 -6.91 -39.61
N VAL A 124 -9.09 -6.66 -39.44
CA VAL A 124 -8.53 -5.39 -39.90
C VAL A 124 -8.61 -5.28 -41.42
N TYR A 125 -8.26 -6.35 -42.14
CA TYR A 125 -8.30 -6.29 -43.59
C TYR A 125 -9.73 -6.12 -44.10
N ASN A 126 -10.68 -6.90 -43.57
CA ASN A 126 -12.06 -6.77 -44.02
C ASN A 126 -12.59 -5.36 -43.77
N PHE A 127 -12.23 -4.78 -42.62
CA PHE A 127 -12.64 -3.41 -42.31
C PHE A 127 -11.98 -2.41 -43.25
N GLY A 128 -10.68 -2.56 -43.49
CA GLY A 128 -9.99 -1.64 -44.37
C GLY A 128 -10.41 -1.80 -45.83
N LYS A 129 -10.64 -3.02 -46.27
CA LYS A 129 -11.00 -3.24 -47.67
C LYS A 129 -12.43 -2.78 -47.96
N GLU A 130 -13.37 -3.10 -47.07
CA GLU A 130 -14.75 -2.72 -47.31
C GLU A 130 -14.93 -1.20 -47.28
N ASN A 131 -14.13 -0.49 -46.50
CA ASN A 131 -14.25 0.96 -46.38
C ASN A 131 -13.14 1.70 -47.13
N ASN A 132 -12.30 1.00 -47.90
CA ASN A 132 -11.24 1.62 -48.70
C ASN A 132 -10.35 2.53 -47.84
N LEU A 133 -10.00 2.05 -46.66
CA LEU A 133 -9.22 2.86 -45.74
C LEU A 133 -7.74 2.87 -46.11
N ASP A 134 -7.09 4.00 -45.85
CA ASP A 134 -5.64 4.08 -46.00
C ASP A 134 -4.91 3.76 -44.70
N VAL A 135 -5.55 3.98 -43.57
CA VAL A 135 -5.04 3.60 -42.26
C VAL A 135 -6.17 2.94 -41.51
N VAL A 136 -5.91 1.76 -40.97
CA VAL A 136 -6.79 1.15 -39.97
C VAL A 136 -6.08 1.30 -38.63
N SER A 137 -6.67 2.11 -37.75
CA SER A 137 -6.15 2.30 -36.40
C SER A 137 -6.90 1.33 -35.50
N GLY A 138 -6.32 0.16 -35.28
CA GLY A 138 -6.97 -0.86 -34.49
C GLY A 138 -6.69 -0.72 -33.00
N LYS A 139 -7.62 -1.20 -32.18
CA LYS A 139 -7.44 -1.15 -30.74
C LYS A 139 -6.11 -1.79 -30.35
N GLU A 140 -5.27 -1.02 -29.69
CA GLU A 140 -3.96 -1.47 -29.23
C GLU A 140 -4.01 -1.70 -27.73
N VAL A 141 -3.32 -2.76 -27.27
CA VAL A 141 -3.31 -3.16 -25.88
C VAL A 141 -1.88 -3.01 -25.35
N ARG A 142 -1.77 -2.61 -24.08
CA ARG A 142 -0.48 -2.51 -23.42
C ARG A 142 -0.52 -3.31 -22.13
N THR A 143 0.67 -3.78 -21.70
CA THR A 143 0.75 -4.62 -20.51
C THR A 143 0.19 -3.90 -19.29
N ASN A 144 0.58 -2.65 -19.09
CA ASN A 144 0.27 -1.93 -17.87
C ASN A 144 -0.78 -0.84 -18.12
N GLY A 145 -1.47 -0.49 -17.05
CA GLY A 145 -2.49 0.54 -17.10
C GLY A 145 -3.89 -0.04 -17.18
N TRP A 146 -4.87 0.80 -16.86
CA TRP A 146 -6.26 0.41 -16.94
C TRP A 146 -6.93 0.84 -18.23
N SER A 147 -6.19 1.51 -19.11
CA SER A 147 -6.72 1.86 -20.42
C SER A 147 -5.56 2.23 -21.33
N TRP A 148 -5.85 2.19 -22.62
CA TRP A 148 -4.98 2.76 -23.64
C TRP A 148 -5.89 3.20 -24.77
N GLY A 149 -5.72 4.44 -25.23
CA GLY A 149 -6.64 4.99 -26.21
C GLY A 149 -8.07 5.00 -25.74
N TRP A 150 -8.30 5.32 -24.47
CA TRP A 150 -9.64 5.29 -23.89
C TRP A 150 -10.61 6.13 -24.70
N LYS A 151 -10.21 7.34 -25.08
CA LYS A 151 -11.10 8.21 -25.84
C LYS A 151 -11.23 7.75 -27.29
N GLN A 152 -10.11 7.42 -27.95
CA GLN A 152 -10.15 7.18 -29.38
C GLN A 152 -10.72 5.82 -29.74
N PHE A 153 -10.46 4.80 -28.93
CA PHE A 153 -10.97 3.45 -29.23
C PHE A 153 -12.36 3.22 -28.65
N SER A 154 -13.26 4.20 -28.75
CA SER A 154 -14.55 4.09 -28.09
C SER A 154 -15.60 3.40 -28.94
N GLU A 155 -15.53 3.51 -30.27
CA GLU A 155 -16.47 2.84 -31.15
C GLU A 155 -15.82 2.66 -32.50
N ASN A 156 -16.29 1.66 -33.26
CA ASN A 156 -15.85 1.53 -34.64
C ASN A 156 -16.28 2.77 -35.42
N ASN A 157 -15.39 3.24 -36.29
CA ASN A 157 -15.66 4.44 -37.08
C ASN A 157 -14.92 4.33 -38.40
N PRO A 158 -15.63 4.00 -39.49
CA PRO A 158 -14.98 3.90 -40.81
C PRO A 158 -14.69 5.24 -41.47
N HIS A 159 -15.16 6.35 -40.91
CA HIS A 159 -14.92 7.68 -41.45
C HIS A 159 -14.26 8.58 -40.41
N ALA A 160 -13.30 8.02 -39.66
CA ALA A 160 -12.77 8.70 -38.48
C ALA A 160 -12.00 9.97 -38.81
N GLU A 161 -11.47 10.10 -40.03
CA GLU A 161 -10.73 11.33 -40.34
C GLU A 161 -11.64 12.55 -40.34
N GLU A 162 -12.96 12.37 -40.31
CA GLU A 162 -13.86 13.51 -40.16
C GLU A 162 -13.64 14.22 -38.82
N MET A 163 -13.20 13.49 -37.80
CA MET A 163 -12.92 14.08 -36.50
C MET A 163 -11.65 14.93 -36.49
N GLY A 164 -10.88 14.95 -37.56
CA GLY A 164 -9.59 15.61 -37.52
C GLY A 164 -8.49 14.66 -37.09
N ILE A 165 -7.28 15.23 -36.93
CA ILE A 165 -6.08 14.42 -36.77
C ILE A 165 -6.13 13.54 -35.51
N GLU A 166 -6.99 13.89 -34.55
CA GLU A 166 -7.09 13.09 -33.33
C GLU A 166 -7.52 11.64 -33.58
N CYS A 167 -8.09 11.35 -34.76
CA CYS A 167 -8.49 9.98 -35.06
C CYS A 167 -7.32 9.01 -35.09
N LEU A 168 -6.08 9.52 -35.17
CA LEU A 168 -4.90 8.67 -35.24
C LEU A 168 -4.21 8.48 -33.89
N LEU A 169 -4.65 9.19 -32.85
CA LEU A 169 -4.13 8.95 -31.53
C LEU A 169 -4.65 7.61 -31.00
N PRO A 170 -3.86 6.91 -30.17
CA PRO A 170 -2.47 7.21 -29.83
C PRO A 170 -1.58 6.95 -31.03
N MET A 171 -0.63 7.84 -31.26
CA MET A 171 0.12 7.78 -32.52
C MET A 171 1.30 6.81 -32.45
N THR A 172 1.05 5.58 -32.01
CA THR A 172 2.01 4.50 -32.19
C THR A 172 2.03 4.08 -33.66
N PRO A 173 3.08 3.36 -34.09
CA PRO A 173 3.11 2.87 -35.47
C PRO A 173 2.42 1.52 -35.67
N HIS A 174 1.71 1.03 -34.66
CA HIS A 174 1.13 -0.31 -34.71
C HIS A 174 -0.25 -0.33 -35.35
N LYS A 175 -0.42 0.42 -36.44
CA LYS A 175 -1.63 0.43 -37.24
C LYS A 175 -1.37 -0.32 -38.55
N PHE A 176 -2.42 -0.45 -39.36
CA PHE A 176 -2.29 -1.04 -40.68
C PHE A 176 -2.38 0.08 -41.71
N TYR A 177 -1.31 0.26 -42.47
CA TYR A 177 -1.18 1.36 -43.43
C TYR A 177 -1.28 0.77 -44.84
N LYS A 178 -2.05 1.42 -45.71
CA LYS A 178 -2.15 0.96 -47.08
C LYS A 178 -0.85 1.26 -47.81
N ARG A 179 -0.26 0.22 -48.40
CA ARG A 179 1.10 0.32 -48.93
C ARG A 179 1.19 1.34 -50.07
N GLU A 180 0.29 1.25 -51.05
CA GLU A 180 0.32 2.20 -52.15
C GLU A 180 0.18 3.63 -51.66
N PHE A 181 -0.58 3.85 -50.58
CA PHE A 181 -0.72 5.20 -50.04
C PHE A 181 0.60 5.71 -49.48
N LEU A 182 1.35 4.86 -48.77
CA LEU A 182 2.66 5.26 -48.27
C LEU A 182 3.60 5.59 -49.42
N LEU A 183 3.60 4.75 -50.46
CA LEU A 183 4.54 4.94 -51.57
C LEU A 183 4.19 6.17 -52.40
N GLU A 184 2.90 6.38 -52.66
CA GLU A 184 2.49 7.47 -53.52
C GLU A 184 2.83 8.82 -52.90
N ASN A 185 2.75 8.92 -51.57
CA ASN A 185 3.00 10.17 -50.87
C ASN A 185 4.37 10.21 -50.20
N ASP A 186 5.25 9.27 -50.53
CA ASP A 186 6.60 9.15 -49.99
C ASP A 186 6.62 9.34 -48.48
N ILE A 187 5.78 8.56 -47.79
CA ILE A 187 5.75 8.57 -46.33
C ILE A 187 6.68 7.47 -45.85
N THR A 188 7.73 7.85 -45.14
CA THR A 188 8.74 6.93 -44.63
C THR A 188 9.11 7.36 -43.21
N PHE A 189 9.79 6.45 -42.49
CA PHE A 189 10.40 6.81 -41.22
C PHE A 189 11.70 7.56 -41.49
N ASP A 190 12.11 8.38 -40.51
CA ASP A 190 13.32 9.18 -40.65
C ASP A 190 14.53 8.30 -40.32
N ASP A 191 15.37 8.03 -41.33
CA ASP A 191 16.57 7.20 -41.13
C ASP A 191 17.86 7.99 -41.33
N GLY A 192 17.86 9.27 -41.00
CA GLY A 192 19.06 10.08 -41.18
C GLY A 192 19.72 10.45 -39.87
N ALA A 193 18.96 10.28 -38.79
CA ALA A 193 19.35 10.68 -37.44
C ALA A 193 18.21 10.28 -36.52
N ARG A 194 18.55 9.72 -35.36
CA ARG A 194 17.53 9.28 -34.43
C ARG A 194 16.72 10.48 -33.95
N VAL A 195 15.39 10.33 -33.93
CA VAL A 195 14.51 11.35 -33.42
C VAL A 195 13.54 10.70 -32.45
N LEU A 196 13.13 11.45 -31.45
CA LEU A 196 12.08 10.99 -30.54
C LEU A 196 10.72 11.17 -31.20
N TRP A 197 9.78 10.29 -30.83
CA TRP A 197 8.40 10.35 -31.33
C TRP A 197 8.36 10.24 -32.85
N GLU A 198 9.21 9.36 -33.41
CA GLU A 198 9.22 9.13 -34.84
C GLU A 198 7.86 8.72 -35.37
N ASP A 199 7.12 7.92 -34.60
CA ASP A 199 5.80 7.49 -35.06
C ASP A 199 4.81 8.64 -35.10
N VAL A 200 5.02 9.69 -34.29
CA VAL A 200 4.13 10.85 -34.37
C VAL A 200 4.32 11.58 -35.70
N TYR A 201 5.57 11.71 -36.15
CA TYR A 201 5.83 12.26 -37.49
C TYR A 201 5.18 11.39 -38.57
N PHE A 202 5.26 10.07 -38.41
CA PHE A 202 4.78 9.16 -39.43
C PHE A 202 3.26 9.24 -39.56
N ASN A 203 2.55 9.17 -38.44
CA ASN A 203 1.08 9.27 -38.51
C ASN A 203 0.64 10.68 -38.92
N SER A 204 1.35 11.72 -38.51
CA SER A 204 0.97 13.07 -38.91
C SER A 204 1.09 13.25 -40.42
N LYS A 205 2.17 12.73 -41.01
CA LYS A 205 2.33 12.81 -42.46
C LYS A 205 1.23 12.05 -43.18
N ALA A 206 0.79 10.92 -42.63
CA ALA A 206 -0.31 10.18 -43.24
C ALA A 206 -1.59 11.01 -43.25
N PHE A 207 -1.92 11.63 -42.11
CA PHE A 207 -3.13 12.41 -42.08
C PHE A 207 -3.03 13.63 -43.00
N ILE A 208 -1.88 14.30 -42.99
CA ILE A 208 -1.67 15.48 -43.81
C ILE A 208 -1.86 15.17 -45.29
N HIS A 209 -1.61 13.94 -45.71
CA HIS A 209 -1.77 13.61 -47.11
C HIS A 209 -3.17 13.11 -47.43
N GLY A 210 -4.13 13.36 -46.55
CA GLY A 210 -5.51 13.08 -46.86
C GLY A 210 -5.93 11.64 -46.68
N ALA A 211 -5.27 10.92 -45.77
CA ALA A 211 -5.62 9.53 -45.53
C ALA A 211 -7.06 9.39 -45.06
N LYS A 212 -7.76 8.41 -45.62
CA LYS A 212 -8.99 7.91 -45.04
C LYS A 212 -8.62 7.01 -43.86
N VAL A 213 -9.06 7.38 -42.66
CA VAL A 213 -8.72 6.63 -41.45
C VAL A 213 -9.98 5.96 -40.92
N GLY A 214 -9.82 4.72 -40.49
CA GLY A 214 -10.88 4.02 -39.78
C GLY A 214 -10.36 3.49 -38.47
N ILE A 215 -11.17 3.60 -37.43
CA ILE A 215 -10.85 3.10 -36.10
C ILE A 215 -11.59 1.79 -35.91
N LEU A 216 -10.86 0.72 -35.61
CA LEU A 216 -11.46 -0.59 -35.30
C LEU A 216 -11.33 -0.80 -33.80
N ALA A 217 -12.44 -0.61 -33.08
CA ALA A 217 -12.42 -0.54 -31.62
C ALA A 217 -12.98 -1.76 -30.91
N ASP A 218 -13.64 -2.67 -31.63
CA ASP A 218 -14.36 -3.77 -30.97
C ASP A 218 -13.55 -5.06 -30.91
N TYR A 219 -12.25 -5.01 -31.19
CA TYR A 219 -11.43 -6.21 -31.11
C TYR A 219 -9.97 -5.81 -30.91
N PRO A 220 -9.30 -6.31 -29.88
CA PRO A 220 -7.89 -5.94 -29.67
C PRO A 220 -7.04 -6.46 -30.82
N THR A 221 -6.34 -5.55 -31.48
CA THR A 221 -5.56 -5.93 -32.65
C THR A 221 -4.09 -6.18 -32.35
N TYR A 222 -3.49 -5.38 -31.47
CA TYR A 222 -2.04 -5.36 -31.31
C TYR A 222 -1.69 -5.31 -29.83
N TYR A 223 -0.74 -6.14 -29.42
CA TYR A 223 -0.29 -6.17 -28.04
C TYR A 223 1.13 -5.65 -27.98
N TRP A 224 1.29 -4.45 -27.43
CA TRP A 224 2.57 -3.79 -27.21
C TRP A 224 3.04 -4.19 -25.82
N ILE A 225 3.99 -5.13 -25.75
CA ILE A 225 4.37 -5.72 -24.48
C ILE A 225 5.42 -4.84 -23.81
N ALA A 226 5.32 -4.72 -22.49
CA ALA A 226 6.34 -4.06 -21.69
C ALA A 226 7.34 -5.12 -21.26
N THR A 227 8.59 -4.97 -21.71
CA THR A 227 9.57 -6.03 -21.46
C THR A 227 10.25 -5.88 -20.10
N GLY A 228 10.35 -4.66 -19.58
CA GLY A 228 11.07 -4.41 -18.36
C GLY A 228 12.51 -3.99 -18.57
N ALA A 229 13.06 -4.23 -19.75
CA ALA A 229 14.38 -3.72 -20.10
C ALA A 229 14.31 -2.24 -20.38
N ASN A 230 15.32 -1.51 -19.95
CA ASN A 230 15.36 -0.06 -20.07
C ASN A 230 16.15 0.36 -21.30
N ASN A 231 15.69 1.41 -21.97
CA ASN A 231 16.44 2.05 -23.05
C ASN A 231 17.41 3.06 -22.43
N SER A 232 18.36 2.51 -21.67
CA SER A 232 19.29 3.32 -20.87
C SER A 232 20.40 3.90 -21.73
N SER A 233 20.00 4.61 -22.77
CA SER A 233 20.95 5.30 -23.63
C SER A 233 21.09 6.75 -23.20
N SER A 234 22.28 7.30 -23.38
CA SER A 234 22.50 8.71 -23.07
C SER A 234 21.67 9.62 -23.96
N PHE A 235 21.13 9.10 -25.06
CA PHE A 235 20.33 9.92 -25.97
C PHE A 235 18.99 10.27 -25.35
N GLY A 236 18.34 9.29 -24.73
CA GLY A 236 17.05 9.46 -24.09
C GLY A 236 17.10 10.00 -22.68
N ARG A 237 18.29 10.18 -22.11
CA ARG A 237 18.42 10.78 -20.80
C ARG A 237 19.03 12.18 -20.85
N ASP A 238 19.53 12.60 -22.00
CA ASP A 238 20.13 13.91 -22.17
C ASP A 238 19.04 14.98 -22.15
N PRO A 239 18.97 15.84 -21.12
CA PRO A 239 17.89 16.83 -21.08
C PRO A 239 17.99 17.84 -22.19
N HIS A 240 19.19 18.16 -22.66
CA HIS A 240 19.34 19.05 -23.80
C HIS A 240 18.86 18.38 -25.08
N GLU A 241 19.12 17.08 -25.22
CA GLU A 241 18.58 16.36 -26.37
C GLU A 241 17.07 16.34 -26.35
N LYS A 242 16.49 16.12 -25.16
CA LYS A 242 15.03 16.03 -25.05
C LYS A 242 14.35 17.29 -25.56
N TRP A 243 14.80 18.45 -25.10
CA TRP A 243 14.17 19.70 -25.52
C TRP A 243 14.57 20.12 -26.93
N ASN A 244 15.72 19.66 -27.42
CA ASN A 244 15.98 19.79 -28.85
C ASN A 244 14.96 18.99 -29.65
N GLN A 245 14.59 17.81 -29.17
CA GLN A 245 13.62 16.98 -29.89
C GLN A 245 12.21 17.57 -29.80
N ILE A 246 11.86 18.17 -28.66
CA ILE A 246 10.54 18.78 -28.52
C ILE A 246 10.42 19.99 -29.43
N ASN A 247 11.48 20.80 -29.52
CA ASN A 247 11.48 21.93 -30.45
C ASN A 247 11.27 21.45 -31.89
N LYS A 248 11.95 20.36 -32.26
CA LYS A 248 11.82 19.83 -33.61
C LYS A 248 10.39 19.36 -33.88
N LEU A 249 9.76 18.73 -32.88
CA LEU A 249 8.40 18.23 -33.08
C LEU A 249 7.41 19.37 -33.26
N PHE A 250 7.49 20.41 -32.42
CA PHE A 250 6.57 21.54 -32.53
C PHE A 250 6.80 22.32 -33.82
N ASN A 251 8.05 22.47 -34.24
CA ASN A 251 8.29 23.11 -35.53
C ASN A 251 7.79 22.24 -36.67
N PHE A 252 7.79 20.93 -36.50
CA PHE A 252 7.22 20.08 -37.55
C PHE A 252 5.71 20.30 -37.67
N PHE A 253 5.01 20.38 -36.54
CA PHE A 253 3.58 20.69 -36.54
C PHE A 253 3.31 22.01 -37.25
N LYS A 254 4.01 23.06 -36.82
CA LYS A 254 3.73 24.40 -37.33
C LYS A 254 4.03 24.51 -38.82
N ASP A 255 5.04 23.79 -39.31
CA ASP A 255 5.45 23.90 -40.70
C ASP A 255 4.55 23.09 -41.64
N ASN A 256 3.98 21.98 -41.18
CA ASN A 256 3.39 21.01 -42.09
C ASN A 256 1.88 20.82 -41.95
N ILE A 257 1.29 21.09 -40.80
CA ILE A 257 -0.14 20.86 -40.61
C ILE A 257 -0.87 22.15 -41.00
N LYS A 258 -1.64 22.10 -42.08
CA LYS A 258 -2.26 23.30 -42.62
C LYS A 258 -3.67 23.54 -42.10
N GLU A 259 -4.47 22.49 -41.88
CA GLU A 259 -5.80 22.67 -41.31
C GLU A 259 -5.70 23.23 -39.90
N GLN A 260 -6.37 24.36 -39.68
CA GLN A 260 -6.24 25.07 -38.41
C GLN A 260 -6.65 24.19 -37.24
N ARG A 261 -7.75 23.44 -37.37
CA ARG A 261 -8.21 22.65 -36.24
C ARG A 261 -7.24 21.52 -35.92
N ASP A 262 -6.56 20.97 -36.92
CA ASP A 262 -5.59 19.91 -36.68
C ASP A 262 -4.32 20.45 -36.05
N LEU A 263 -3.84 21.60 -36.54
CA LEU A 263 -2.67 22.22 -35.93
C LEU A 263 -2.93 22.58 -34.48
N ASP A 264 -4.06 23.26 -34.22
CA ASP A 264 -4.38 23.67 -32.86
C ASP A 264 -4.55 22.47 -31.95
N PHE A 265 -5.12 21.36 -32.45
CA PHE A 265 -5.23 20.17 -31.61
C PHE A 265 -3.85 19.62 -31.26
N MET A 266 -2.96 19.52 -32.24
CA MET A 266 -1.64 18.96 -31.98
C MET A 266 -0.85 19.86 -31.04
N LEU A 267 -0.87 21.18 -31.30
CA LEU A 267 -0.19 22.12 -30.40
C LEU A 267 -0.75 22.02 -28.98
N THR A 268 -2.07 21.93 -28.84
CA THR A 268 -2.66 21.85 -27.50
C THR A 268 -2.29 20.53 -26.83
N HIS A 269 -2.53 19.41 -27.52
CA HIS A 269 -2.25 18.10 -26.95
C HIS A 269 -0.80 17.97 -26.51
N TRP A 270 0.14 18.38 -27.36
CA TRP A 270 1.54 18.16 -27.01
C TRP A 270 2.07 19.20 -26.03
N TYR A 271 1.58 20.44 -26.09
CA TYR A 271 1.95 21.42 -25.07
C TYR A 271 1.47 20.98 -23.70
N ARG A 272 0.22 20.53 -23.60
CA ARG A 272 -0.30 20.08 -22.32
C ARG A 272 0.44 18.85 -21.81
N SER A 273 0.74 17.90 -22.70
CA SER A 273 1.20 16.59 -22.22
C SER A 273 2.71 16.57 -21.94
N ARG A 274 3.54 17.09 -22.84
CA ARG A 274 4.98 16.99 -22.62
C ARG A 274 5.65 18.29 -22.18
N VAL A 275 4.97 19.43 -22.27
CA VAL A 275 5.59 20.69 -21.84
C VAL A 275 5.07 21.07 -20.46
N LEU A 276 3.76 21.33 -20.36
CA LEU A 276 3.18 21.55 -19.05
C LEU A 276 3.27 20.31 -18.16
N GLY A 277 3.45 19.12 -18.77
CA GLY A 277 3.57 17.90 -18.01
C GLY A 277 4.75 17.83 -17.08
N ILE A 278 5.76 18.70 -17.25
CA ILE A 278 6.88 18.75 -16.32
C ILE A 278 6.65 19.72 -15.16
N LEU A 279 5.49 20.38 -15.10
CA LEU A 279 5.25 21.43 -14.14
C LEU A 279 4.39 20.98 -12.97
N GLY A 280 4.05 19.70 -12.90
CA GLY A 280 3.33 19.15 -11.76
C GLY A 280 4.22 18.28 -10.90
N GLN A 281 3.85 17.02 -10.73
CA GLN A 281 4.59 16.13 -9.85
C GLN A 281 6.01 15.86 -10.33
N TRP A 282 6.30 16.11 -11.60
CA TRP A 282 7.67 16.06 -12.09
C TRP A 282 8.59 16.97 -11.28
N LEU A 283 8.08 18.12 -10.81
CA LEU A 283 8.89 19.05 -10.04
C LEU A 283 9.29 18.50 -8.68
N LEU A 284 8.63 17.43 -8.22
CA LEU A 284 8.94 16.83 -6.94
C LEU A 284 9.78 15.56 -7.08
N LYS A 285 10.00 15.09 -8.30
CA LYS A 285 10.77 13.88 -8.56
C LYS A 285 12.14 14.18 -9.13
N ASN A 286 12.54 15.44 -9.25
CA ASN A 286 13.79 15.80 -9.89
C ASN A 286 14.53 16.83 -9.05
N ASN A 287 15.85 16.87 -9.22
CA ASN A 287 16.66 17.82 -8.48
C ASN A 287 16.64 19.19 -9.16
N ASN A 288 17.05 20.21 -8.39
CA ASN A 288 17.00 21.59 -8.88
C ASN A 288 17.85 21.79 -10.11
N GLU A 289 18.90 20.98 -10.29
CA GLU A 289 19.75 21.11 -11.46
C GLU A 289 18.98 20.79 -12.73
N ARG A 290 18.27 19.65 -12.74
CA ARG A 290 17.53 19.28 -13.93
C ARG A 290 16.23 20.07 -14.06
N ILE A 291 15.63 20.49 -12.95
CA ILE A 291 14.44 21.34 -13.03
C ILE A 291 14.77 22.64 -13.75
N ASP A 292 15.80 23.35 -13.27
CA ASP A 292 16.17 24.62 -13.87
C ASP A 292 16.44 24.47 -15.36
N ILE A 293 17.10 23.37 -15.75
CA ILE A 293 17.41 23.15 -17.16
C ILE A 293 16.13 22.98 -17.97
N GLU A 294 15.27 22.03 -17.58
CA GLU A 294 14.07 21.77 -18.36
C GLU A 294 13.05 22.90 -18.24
N PHE A 295 13.02 23.60 -17.09
CA PHE A 295 12.08 24.70 -16.94
C PHE A 295 12.42 25.84 -17.89
N ASN A 296 13.70 26.23 -17.94
CA ASN A 296 14.12 27.29 -18.86
C ASN A 296 13.82 26.92 -20.31
N TYR A 297 14.03 25.65 -20.66
CA TYR A 297 13.70 25.19 -22.01
C TYR A 297 12.21 25.34 -22.30
N ALA A 298 11.36 24.94 -21.34
CA ALA A 298 9.92 24.99 -21.55
C ALA A 298 9.43 26.43 -21.67
N LYS A 299 9.94 27.32 -20.82
CA LYS A 299 9.60 28.73 -20.94
C LYS A 299 9.94 29.27 -22.32
N LYS A 300 11.12 28.93 -22.83
CA LYS A 300 11.51 29.41 -24.16
C LYS A 300 10.61 28.83 -25.24
N LEU A 301 10.18 27.59 -25.09
CA LEU A 301 9.33 26.97 -26.10
C LEU A 301 7.93 27.58 -26.11
N ALA A 302 7.38 27.82 -24.92
CA ALA A 302 6.06 28.44 -24.84
C ALA A 302 6.07 29.82 -25.49
N GLU A 303 7.10 30.62 -25.20
CA GLU A 303 7.20 31.96 -25.78
C GLU A 303 7.33 31.90 -27.30
N GLU A 304 8.21 31.03 -27.81
CA GLU A 304 8.59 31.06 -29.22
C GLU A 304 7.65 30.30 -30.13
N LEU A 305 7.10 29.17 -29.69
CA LEU A 305 6.36 28.30 -30.59
C LEU A 305 4.87 28.17 -30.27
N ILE A 306 4.45 28.44 -29.04
CA ILE A 306 3.09 28.17 -28.59
C ILE A 306 2.30 29.48 -28.64
N PRO A 307 1.39 29.66 -29.60
CA PRO A 307 0.56 30.87 -29.59
C PRO A 307 -0.17 31.04 -28.27
N ALA A 308 -0.34 32.30 -27.87
CA ALA A 308 -0.99 32.60 -26.60
C ALA A 308 -2.44 32.12 -26.57
N TYR A 309 -3.11 32.06 -27.72
CA TYR A 309 -4.50 31.58 -27.74
C TYR A 309 -4.62 30.10 -27.38
N ILE A 310 -3.54 29.31 -27.54
CA ILE A 310 -3.60 27.89 -27.23
C ILE A 310 -4.04 27.68 -25.78
N SER A 311 -3.58 28.55 -24.88
CA SER A 311 -3.87 28.42 -23.45
C SER A 311 -5.37 28.44 -23.17
N GLU A 312 -6.19 29.01 -24.06
CA GLU A 312 -7.64 28.97 -23.87
C GLU A 312 -8.24 27.61 -24.13
N ASN A 313 -7.51 26.67 -24.74
CA ASN A 313 -8.01 25.32 -24.89
C ASN A 313 -7.80 24.47 -23.65
N LEU A 314 -7.11 24.99 -22.64
CA LEU A 314 -6.69 24.19 -21.50
C LEU A 314 -7.69 24.29 -20.35
N ASP A 315 -7.64 23.30 -19.47
CA ASP A 315 -8.42 23.35 -18.25
C ASP A 315 -7.81 24.37 -17.28
N LYS A 316 -8.52 24.61 -16.18
CA LYS A 316 -8.14 25.64 -15.22
C LYS A 316 -6.71 25.43 -14.70
N ASN A 317 -6.43 24.24 -14.16
CA ASN A 317 -5.13 23.99 -13.57
C ASN A 317 -4.02 24.12 -14.60
N ASN A 318 -4.28 23.75 -15.85
CA ASN A 318 -3.26 23.93 -16.88
C ASN A 318 -3.11 25.38 -17.30
N GLN A 319 -4.18 26.18 -17.20
CA GLN A 319 -4.06 27.60 -17.48
C GLN A 319 -3.19 28.28 -16.44
N VAL A 320 -3.31 27.87 -15.17
CA VAL A 320 -2.42 28.36 -14.13
C VAL A 320 -0.98 28.00 -14.46
N LYS A 321 -0.73 26.76 -14.86
CA LYS A 321 0.63 26.33 -15.18
C LYS A 321 1.19 27.12 -16.35
N ASP A 322 0.42 27.26 -17.42
CA ASP A 322 0.86 28.06 -18.56
C ASP A 322 1.17 29.49 -18.13
N TYR A 323 0.30 30.10 -17.32
CA TYR A 323 0.51 31.48 -16.89
C TYR A 323 1.81 31.62 -16.11
N LEU A 324 2.02 30.75 -15.11
CA LEU A 324 3.20 30.87 -14.28
C LEU A 324 4.47 30.48 -15.04
N LEU A 325 4.37 29.53 -15.97
CA LEU A 325 5.49 29.23 -16.85
C LEU A 325 5.95 30.47 -17.61
N ARG A 326 5.01 31.17 -18.24
CA ARG A 326 5.36 32.36 -19.01
C ARG A 326 5.84 33.49 -18.11
N GLN A 327 5.41 33.51 -16.84
CA GLN A 327 5.93 34.45 -15.86
C GLN A 327 7.31 34.07 -15.33
N GLY A 328 7.80 32.87 -15.65
CA GLY A 328 9.03 32.40 -15.03
C GLY A 328 8.93 32.12 -13.55
N ASP A 329 7.71 31.94 -13.02
CA ASP A 329 7.50 31.77 -11.59
C ASP A 329 7.62 30.30 -11.20
N LEU A 330 8.87 29.82 -11.20
CA LEU A 330 9.13 28.43 -10.83
C LEU A 330 8.85 28.18 -9.36
N ASP A 331 9.08 29.18 -8.50
CA ASP A 331 8.85 28.99 -7.06
C ASP A 331 7.38 28.72 -6.76
N SER A 332 6.48 29.40 -7.47
CA SER A 332 5.06 29.16 -7.26
C SER A 332 4.64 27.81 -7.84
N LEU A 333 5.18 27.43 -8.99
CA LEU A 333 4.86 26.13 -9.57
C LEU A 333 5.31 25.00 -8.66
N LYS A 334 6.48 25.13 -8.03
CA LYS A 334 6.93 24.13 -7.08
C LYS A 334 5.98 24.03 -5.91
N LYS A 335 5.52 25.17 -5.37
CA LYS A 335 4.59 25.15 -4.27
C LYS A 335 3.25 24.55 -4.68
N LEU A 336 2.81 24.81 -5.91
CA LEU A 336 1.55 24.25 -6.39
C LEU A 336 1.66 22.73 -6.57
N ALA A 337 2.82 22.25 -7.00
CA ALA A 337 3.00 20.80 -7.09
C ALA A 337 2.91 20.13 -5.73
N GLN A 338 3.35 20.83 -4.67
CA GLN A 338 3.20 20.27 -3.33
C GLN A 338 1.75 20.22 -2.90
N ILE A 339 0.99 21.28 -3.19
CA ILE A 339 -0.42 21.35 -2.80
C ILE A 339 -1.25 20.33 -3.57
N ASP A 340 -0.91 20.07 -4.82
CA ASP A 340 -1.65 19.13 -5.66
C ASP A 340 -1.26 17.68 -5.40
N ALA A 341 -0.15 17.43 -4.70
CA ALA A 341 0.39 16.09 -4.59
C ALA A 341 -0.59 15.15 -3.91
N GLY A 342 -0.94 14.07 -4.60
CA GLY A 342 -1.73 13.00 -4.02
C GLY A 342 -3.21 13.04 -4.31
N ILE A 343 -3.71 14.05 -5.02
CA ILE A 343 -5.14 14.15 -5.28
C ILE A 343 -5.58 12.97 -6.13
N THR A 344 -6.61 12.28 -5.67
CA THR A 344 -7.02 11.04 -6.33
C THR A 344 -8.48 10.76 -6.00
N ALA A 345 -9.02 9.74 -6.64
CA ALA A 345 -10.38 9.26 -6.36
C ALA A 345 -10.36 7.74 -6.45
N LEU A 346 -10.47 7.07 -5.31
CA LEU A 346 -10.50 5.62 -5.23
C LEU A 346 -11.93 5.17 -4.94
N SER A 347 -12.41 4.18 -5.67
CA SER A 347 -13.76 3.69 -5.48
C SER A 347 -13.79 2.51 -4.51
N TYR A 348 -14.77 2.55 -3.60
CA TYR A 348 -15.04 1.46 -2.67
C TYR A 348 -16.29 0.71 -3.13
N VAL A 349 -16.29 -0.60 -2.95
CA VAL A 349 -17.48 -1.41 -3.21
C VAL A 349 -18.48 -1.17 -2.10
N GLU A 350 -19.68 -0.73 -2.46
CA GLU A 350 -20.79 -0.66 -1.51
C GLU A 350 -21.69 -1.88 -1.56
N ASP A 351 -21.81 -2.51 -2.72
CA ASP A 351 -22.65 -3.68 -2.89
C ASP A 351 -22.15 -4.46 -4.09
N ALA A 352 -22.29 -5.78 -4.02
CA ALA A 352 -21.86 -6.65 -5.10
C ALA A 352 -22.70 -7.93 -5.03
N TYR A 353 -23.32 -8.29 -6.15
CA TYR A 353 -24.19 -9.46 -6.16
C TYR A 353 -24.45 -9.87 -7.59
N PHE A 354 -24.82 -11.13 -7.77
CA PHE A 354 -25.26 -11.66 -9.05
C PHE A 354 -26.79 -11.58 -9.14
N LYS A 355 -27.29 -11.21 -10.31
CA LYS A 355 -28.72 -11.22 -10.59
C LYS A 355 -28.91 -11.72 -12.01
N GLU A 356 -29.70 -12.77 -12.18
CA GLU A 356 -29.91 -13.43 -13.47
C GLU A 356 -28.54 -13.83 -14.02
N ASP A 357 -28.14 -13.36 -15.20
CA ASP A 357 -26.88 -13.78 -15.80
C ASP A 357 -25.79 -12.72 -15.70
N LYS A 358 -25.95 -11.74 -14.80
CA LYS A 358 -25.00 -10.65 -14.72
C LYS A 358 -24.53 -10.46 -13.27
N LEU A 359 -23.47 -9.68 -13.12
CA LEU A 359 -22.90 -9.32 -11.83
C LEU A 359 -23.08 -7.83 -11.62
N PHE A 360 -23.63 -7.44 -10.47
CA PHE A 360 -24.02 -6.05 -10.22
C PHE A 360 -23.14 -5.41 -9.15
N PHE A 361 -22.79 -4.14 -9.36
CA PHE A 361 -21.98 -3.38 -8.43
C PHE A 361 -22.66 -2.07 -8.07
N LYS A 362 -22.53 -1.68 -6.80
CA LYS A 362 -22.75 -0.31 -6.36
C LYS A 362 -21.43 0.18 -5.80
N THR A 363 -20.94 1.31 -6.30
CA THR A 363 -19.66 1.85 -5.85
C THR A 363 -19.85 3.28 -5.39
N SER A 364 -18.88 3.74 -4.60
CA SER A 364 -18.86 5.10 -4.11
C SER A 364 -17.43 5.59 -4.14
N THR A 365 -17.26 6.91 -4.27
CA THR A 365 -15.94 7.50 -4.27
C THR A 365 -16.04 8.95 -3.83
N LYS A 366 -14.90 9.48 -3.40
CA LYS A 366 -14.79 10.90 -3.13
C LYS A 366 -13.35 11.32 -3.37
N MET A 367 -13.16 12.56 -3.79
CA MET A 367 -11.82 13.06 -4.02
C MET A 367 -11.09 13.21 -2.69
N THR A 368 -9.87 12.70 -2.64
CA THR A 368 -9.08 12.64 -1.41
C THR A 368 -7.62 12.90 -1.75
N TYR A 369 -6.83 13.08 -0.71
CA TYR A 369 -5.37 13.00 -0.81
C TYR A 369 -4.98 11.57 -0.43
N GLU A 370 -4.64 10.76 -1.44
CA GLU A 370 -4.12 9.40 -1.25
C GLU A 370 -5.06 8.53 -0.40
N ASP A 371 -6.35 8.58 -0.74
CA ASP A 371 -7.41 7.83 -0.05
CA ASP A 371 -7.41 7.81 -0.05
C ASP A 371 -7.41 8.08 1.46
N LYS A 372 -6.95 9.25 1.87
CA LYS A 372 -6.99 9.65 3.27
C LYS A 372 -8.04 10.74 3.48
N GLU A 373 -7.62 11.94 3.87
CA GLU A 373 -8.57 13.00 4.17
C GLU A 373 -9.14 13.62 2.88
N ASP A 374 -10.22 14.36 3.05
CA ASP A 374 -10.99 14.87 1.91
C ASP A 374 -10.23 15.97 1.16
N PHE A 375 -10.36 15.95 -0.17
CA PHE A 375 -10.01 17.08 -1.00
C PHE A 375 -11.18 18.08 -1.01
N PHE A 376 -10.85 19.36 -0.85
CA PHE A 376 -11.87 20.40 -0.72
C PHE A 376 -11.71 21.46 -1.81
N ILE A 377 -12.83 22.08 -2.15
CA ILE A 377 -12.88 23.35 -2.86
C ILE A 377 -13.66 24.32 -1.98
N GLU A 378 -13.35 25.60 -2.10
CA GLU A 378 -13.83 26.62 -1.17
C GLU A 378 -14.81 27.55 -1.88
N LYS A 379 -15.96 27.79 -1.23
CA LYS A 379 -16.96 28.70 -1.76
C LYS A 379 -16.72 30.10 -1.19
N THR A 380 -16.41 31.04 -2.07
CA THR A 380 -16.29 32.46 -1.73
C THR A 380 -17.27 33.22 -2.60
N ALA A 381 -18.16 34.00 -1.96
CA ALA A 381 -19.26 34.65 -2.64
C ALA A 381 -20.10 33.63 -3.40
N ASP A 382 -20.12 33.72 -4.73
CA ASP A 382 -20.91 32.81 -5.55
C ASP A 382 -20.04 31.94 -6.45
N ARG A 383 -18.76 31.82 -6.14
CA ARG A 383 -17.84 31.04 -6.96
C ARG A 383 -17.11 30.02 -6.10
N MET A 384 -16.93 28.82 -6.66
CA MET A 384 -16.23 27.72 -6.00
C MET A 384 -14.77 27.77 -6.41
N GLU A 385 -13.89 28.08 -5.47
CA GLU A 385 -12.50 28.34 -5.77
C GLU A 385 -11.59 27.20 -5.34
N ARG A 386 -10.44 27.14 -5.99
CA ARG A 386 -9.37 26.24 -5.62
C ARG A 386 -8.68 26.77 -4.37
N ILE A 387 -8.45 25.88 -3.39
CA ILE A 387 -7.84 26.31 -2.13
C ILE A 387 -6.35 26.52 -2.37
N LEU A 388 -5.92 27.77 -2.29
CA LEU A 388 -4.54 28.16 -2.57
C LEU A 388 -4.06 29.15 -1.53
N PRO A 389 -2.76 29.22 -1.27
CA PRO A 389 -2.24 30.24 -0.37
C PRO A 389 -2.45 31.63 -0.94
N GLU A 390 -2.56 32.61 -0.05
CA GLU A 390 -2.88 33.96 -0.48
C GLU A 390 -1.78 34.55 -1.36
N GLU A 391 -0.53 34.16 -1.14
CA GLU A 391 0.56 34.69 -1.95
C GLU A 391 0.42 34.29 -3.41
N ILE A 392 -0.08 33.08 -3.66
CA ILE A 392 -0.25 32.59 -5.03
C ILE A 392 -1.56 33.06 -5.63
N LYS A 393 -2.64 33.05 -4.84
CA LYS A 393 -3.95 33.49 -5.33
C LYS A 393 -3.88 34.89 -5.92
N SER A 394 -3.18 35.80 -5.24
CA SER A 394 -3.06 37.17 -5.71
C SER A 394 -2.07 37.33 -6.86
N LYS A 395 -1.44 36.25 -7.30
CA LYS A 395 -0.53 36.28 -8.44
C LYS A 395 -1.18 35.79 -9.72
N LEU A 396 -2.42 35.30 -9.67
CA LEU A 396 -3.05 34.63 -10.80
C LEU A 396 -4.26 35.39 -11.29
N PRO A 397 -4.57 35.30 -12.58
CA PRO A 397 -5.90 35.72 -13.04
C PRO A 397 -6.98 34.97 -12.29
N LYS A 398 -7.99 35.70 -11.83
CA LYS A 398 -8.96 35.16 -10.89
C LYS A 398 -9.77 34.01 -11.48
N GLU A 399 -10.01 34.03 -12.80
CA GLU A 399 -10.79 32.96 -13.41
C GLU A 399 -10.06 31.62 -13.34
N PHE A 400 -8.73 31.64 -13.34
CA PHE A 400 -7.97 30.41 -13.48
C PHE A 400 -8.14 29.48 -12.28
N PHE A 401 -8.43 30.04 -11.09
CA PHE A 401 -8.70 29.22 -9.91
C PHE A 401 -10.18 29.27 -9.51
N ASP A 402 -11.07 29.51 -10.46
CA ASP A 402 -12.52 29.52 -10.23
C ASP A 402 -13.13 28.31 -10.92
N TYR A 403 -13.52 27.30 -10.14
CA TYR A 403 -14.05 26.06 -10.67
C TYR A 403 -15.55 26.10 -10.95
N SER A 404 -16.18 27.27 -10.84
CA SER A 404 -17.64 27.36 -10.90
C SER A 404 -18.19 26.77 -12.19
N ASP A 405 -17.63 27.16 -13.33
CA ASP A 405 -18.12 26.66 -14.61
C ASP A 405 -17.75 25.21 -14.88
N ASP A 406 -17.08 24.53 -13.95
CA ASP A 406 -16.66 23.16 -14.17
C ASP A 406 -17.35 22.16 -13.25
N LEU A 407 -18.29 22.61 -12.42
CA LEU A 407 -18.88 21.69 -11.44
C LEU A 407 -19.86 20.70 -12.03
N ALA A 408 -20.19 20.81 -13.32
CA ALA A 408 -21.12 19.90 -13.97
C ALA A 408 -20.42 18.96 -14.95
N GLU A 409 -19.08 18.94 -14.96
CA GLU A 409 -18.31 18.16 -15.93
C GLU A 409 -17.59 16.98 -15.27
N PHE A 410 -18.14 16.42 -14.21
CA PHE A 410 -17.59 15.23 -13.58
C PHE A 410 -18.01 13.99 -14.34
N THR A 411 -17.12 12.99 -14.40
CA THR A 411 -17.44 11.71 -15.01
C THR A 411 -17.02 10.57 -14.07
N TYR A 412 -17.81 9.51 -14.08
CA TYR A 412 -17.60 8.37 -13.19
C TYR A 412 -18.06 7.12 -13.95
N GLU A 413 -17.11 6.30 -14.38
CA GLU A 413 -17.37 5.16 -15.25
C GLU A 413 -16.58 3.95 -14.78
N PRO A 414 -17.09 2.74 -15.04
CA PRO A 414 -16.37 1.53 -14.65
C PRO A 414 -15.61 0.92 -15.82
N SER A 415 -14.60 0.11 -15.55
CA SER A 415 -13.86 -0.54 -16.61
C SER A 415 -13.37 -1.91 -16.13
N ILE A 416 -12.99 -2.74 -17.10
CA ILE A 416 -12.56 -4.10 -16.83
C ILE A 416 -11.26 -4.36 -17.58
N LYS A 417 -10.46 -5.28 -17.07
CA LYS A 417 -9.20 -5.66 -17.71
C LYS A 417 -9.02 -7.16 -17.60
N GLY A 418 -8.75 -7.81 -18.73
CA GLY A 418 -8.40 -9.22 -18.71
C GLY A 418 -6.97 -9.41 -18.27
N ARG A 419 -6.74 -10.17 -17.19
CA ARG A 419 -5.41 -10.27 -16.61
C ARG A 419 -4.43 -11.03 -17.51
N ASN A 420 -4.91 -11.91 -18.40
CA ASN A 420 -4.02 -12.60 -19.34
C ASN A 420 -3.86 -11.82 -20.65
N SER A 421 -4.98 -11.40 -21.25
CA SER A 421 -4.89 -10.67 -22.51
C SER A 421 -4.39 -9.25 -22.33
N ARG A 422 -4.64 -8.65 -21.16
CA ARG A 422 -4.36 -7.25 -20.81
C ARG A 422 -5.27 -6.28 -21.55
N ALA A 423 -6.24 -6.78 -22.31
CA ALA A 423 -7.21 -5.90 -22.95
C ALA A 423 -8.07 -5.19 -21.91
N THR A 424 -8.30 -3.89 -22.13
CA THR A 424 -9.12 -3.07 -21.24
C THR A 424 -10.35 -2.57 -21.98
N TRP A 425 -11.48 -2.53 -21.29
CA TRP A 425 -12.74 -2.13 -21.88
C TRP A 425 -13.55 -1.32 -20.88
N LYS A 426 -14.25 -0.32 -21.40
CA LYS A 426 -15.28 0.35 -20.62
C LYS A 426 -16.48 -0.57 -20.45
N ILE A 427 -17.02 -0.62 -19.23
CA ILE A 427 -18.25 -1.34 -18.95
C ILE A 427 -19.41 -0.38 -19.21
N ASP A 428 -20.19 -0.65 -20.26
CA ASP A 428 -21.28 0.21 -20.68
C ASP A 428 -22.51 0.02 -19.79
N GLY A 429 -23.43 0.98 -19.92
CA GLY A 429 -24.72 0.90 -19.26
C GLY A 429 -24.76 1.39 -17.83
N SER A 430 -23.69 2.02 -17.35
CA SER A 430 -23.64 2.45 -15.97
C SER A 430 -24.39 3.75 -15.78
N THR A 431 -24.95 3.92 -14.58
CA THR A 431 -25.52 5.18 -14.14
C THR A 431 -24.70 5.68 -12.97
N SER A 432 -24.29 6.94 -13.01
CA SER A 432 -23.46 7.54 -11.97
C SER A 432 -24.03 8.88 -11.58
N ASN A 433 -23.51 9.42 -10.46
CA ASN A 433 -24.02 10.66 -9.91
C ASN A 433 -22.92 11.26 -9.03
N VAL A 434 -22.52 12.49 -9.31
CA VAL A 434 -21.47 13.18 -8.57
C VAL A 434 -22.06 14.44 -7.96
N GLU A 435 -21.84 14.62 -6.66
CA GLU A 435 -22.39 15.74 -5.90
C GLU A 435 -21.27 16.55 -5.28
N VAL A 436 -21.48 17.86 -5.18
CA VAL A 436 -20.59 18.76 -4.46
C VAL A 436 -21.24 19.07 -3.12
N VAL A 437 -20.69 18.49 -2.05
CA VAL A 437 -21.32 18.48 -0.74
C VAL A 437 -20.56 19.42 0.19
N ASN A 438 -21.29 20.29 0.88
CA ASN A 438 -20.74 21.20 1.87
C ASN A 438 -20.43 20.41 3.15
N LYS A 439 -19.15 20.17 3.42
CA LYS A 439 -18.78 19.39 4.59
C LYS A 439 -18.84 20.24 5.86
N LYS A 440 -18.12 21.35 5.87
CA LYS A 440 -18.09 22.25 7.02
C LYS A 440 -17.72 23.64 6.51
N ALA A 441 -18.21 24.66 7.23
CA ALA A 441 -17.97 26.05 6.88
C ALA A 441 -18.31 26.32 5.43
N ASN A 442 -17.33 26.77 4.64
CA ASN A 442 -17.50 26.98 3.21
C ASN A 442 -16.66 26.00 2.39
N LEU A 443 -16.28 24.86 2.98
CA LEU A 443 -15.51 23.84 2.31
C LEU A 443 -16.43 22.79 1.72
N TYR A 444 -16.16 22.40 0.48
CA TYR A 444 -17.00 21.45 -0.24
C TYR A 444 -16.16 20.27 -0.71
N LYS A 445 -16.73 19.07 -0.59
CA LYS A 445 -16.07 17.87 -1.08
C LYS A 445 -16.80 17.35 -2.32
N ILE A 446 -16.14 16.43 -3.03
CA ILE A 446 -16.64 15.86 -4.27
C ILE A 446 -16.94 14.39 -4.02
N GLU A 447 -18.22 14.03 -4.00
CA GLU A 447 -18.65 12.67 -3.73
C GLU A 447 -19.35 12.07 -4.94
N GLY A 448 -19.08 10.80 -5.21
CA GLY A 448 -19.66 10.12 -6.35
C GLY A 448 -20.23 8.77 -5.97
N GLU A 449 -21.26 8.36 -6.71
CA GLU A 449 -21.86 7.04 -6.59
C GLU A 449 -22.10 6.48 -7.98
N MET A 450 -22.05 5.16 -8.09
CA MET A 450 -22.20 4.51 -9.39
C MET A 450 -22.82 3.13 -9.24
N SER A 451 -23.68 2.78 -10.19
CA SER A 451 -24.27 1.45 -10.30
C SER A 451 -23.97 0.93 -11.70
N PHE A 452 -23.52 -0.33 -11.79
CA PHE A 452 -23.28 -0.92 -13.10
C PHE A 452 -23.34 -2.44 -12.96
N SER A 453 -23.39 -3.11 -14.11
CA SER A 453 -23.49 -4.55 -14.15
C SER A 453 -22.49 -5.07 -15.18
N VAL A 454 -22.10 -6.33 -15.03
CA VAL A 454 -21.08 -6.94 -15.89
C VAL A 454 -21.68 -8.17 -16.56
N GLN A 455 -21.78 -8.12 -17.88
CA GLN A 455 -22.13 -9.28 -18.69
C GLN A 455 -20.81 -9.75 -19.32
N ILE A 456 -20.21 -10.79 -18.73
CA ILE A 456 -18.83 -11.16 -19.05
C ILE A 456 -18.69 -11.56 -20.52
N ASN A 457 -19.77 -12.03 -21.14
CA ASN A 457 -19.73 -12.43 -22.54
C ASN A 457 -19.47 -11.26 -23.49
N ASP A 458 -19.72 -10.02 -23.05
CA ASP A 458 -19.38 -8.86 -23.86
C ASP A 458 -17.88 -8.74 -24.12
N TYR A 459 -17.05 -9.35 -23.28
CA TYR A 459 -15.61 -9.17 -23.38
C TYR A 459 -14.89 -10.44 -23.79
N ILE A 460 -15.61 -11.54 -24.03
CA ILE A 460 -15.03 -12.80 -24.44
C ILE A 460 -15.03 -12.83 -25.97
N LEU A 461 -13.86 -12.54 -26.55
CA LEU A 461 -13.71 -12.48 -28.00
C LEU A 461 -12.88 -13.63 -28.54
N ASP A 462 -11.77 -13.99 -27.89
CA ASP A 462 -11.00 -15.18 -28.23
C ASP A 462 -11.33 -16.30 -27.24
N ALA A 463 -11.17 -17.55 -27.70
CA ALA A 463 -11.48 -18.71 -26.88
C ALA A 463 -10.72 -18.70 -25.55
N ALA A 464 -9.51 -18.16 -25.54
CA ALA A 464 -8.72 -18.11 -24.31
C ALA A 464 -9.35 -17.18 -23.28
N ASP A 465 -10.11 -16.18 -23.72
CA ASP A 465 -10.78 -15.26 -22.80
C ASP A 465 -11.78 -15.96 -21.89
N LYS A 466 -12.22 -17.18 -22.22
CA LYS A 466 -13.25 -17.85 -21.44
C LYS A 466 -12.74 -18.26 -20.06
N LYS A 467 -11.46 -18.60 -19.95
CA LYS A 467 -10.84 -18.92 -18.67
C LYS A 467 -9.83 -17.83 -18.38
N GLN A 468 -10.21 -16.86 -17.54
CA GLN A 468 -9.36 -15.71 -17.30
C GLN A 468 -9.78 -15.04 -16.01
N PRO A 469 -8.85 -14.50 -15.23
CA PRO A 469 -9.23 -13.56 -14.17
C PRO A 469 -9.40 -12.17 -14.76
N TRP A 470 -10.44 -11.47 -14.31
CA TRP A 470 -10.75 -10.13 -14.77
C TRP A 470 -10.65 -9.17 -13.60
N ASP A 471 -10.04 -8.02 -13.84
CA ASP A 471 -9.84 -7.01 -12.81
C ASP A 471 -10.72 -5.81 -13.11
N ILE A 472 -11.38 -5.28 -12.08
CA ILE A 472 -12.36 -4.21 -12.23
C ILE A 472 -11.76 -2.90 -11.77
N ALA A 473 -12.04 -1.82 -12.51
CA ALA A 473 -11.50 -0.50 -12.19
C ALA A 473 -12.57 0.57 -12.43
N THR A 474 -12.35 1.74 -11.83
CA THR A 474 -13.20 2.90 -12.06
C THR A 474 -12.35 4.07 -12.56
N ARG A 475 -12.96 4.91 -13.38
CA ARG A 475 -12.33 6.11 -13.94
C ARG A 475 -13.14 7.32 -13.51
N PHE A 476 -12.55 8.16 -12.66
CA PHE A 476 -13.17 9.39 -12.19
C PHE A 476 -12.42 10.58 -12.75
N THR A 477 -13.14 11.50 -13.39
CA THR A 477 -12.51 12.72 -13.91
C THR A 477 -13.29 13.94 -13.45
N GLY A 478 -12.57 15.04 -13.29
CA GLY A 478 -13.17 16.29 -12.89
C GLY A 478 -12.15 17.28 -12.40
N LEU A 479 -12.44 18.58 -12.56
CA LEU A 479 -11.57 19.66 -12.10
C LEU A 479 -10.17 19.57 -12.70
N GLY A 480 -10.02 18.85 -13.81
CA GLY A 480 -8.73 18.64 -14.43
C GLY A 480 -8.00 17.37 -14.03
N TYR A 481 -8.49 16.63 -13.03
CA TYR A 481 -7.83 15.43 -12.55
C TYR A 481 -8.48 14.19 -13.13
N THR A 482 -7.67 13.16 -13.39
CA THR A 482 -8.14 11.87 -13.89
C THR A 482 -7.60 10.77 -12.99
N SER A 483 -8.50 9.95 -12.45
CA SER A 483 -8.13 8.85 -11.56
C SER A 483 -8.77 7.58 -12.10
N HIS A 484 -7.95 6.73 -12.71
CA HIS A 484 -8.38 5.43 -13.21
C HIS A 484 -7.63 4.39 -12.38
N ARG A 485 -8.29 3.89 -11.34
CA ARG A 485 -7.69 2.98 -10.38
C ARG A 485 -8.58 1.75 -10.21
N ALA A 486 -7.98 0.68 -9.71
CA ALA A 486 -8.72 -0.55 -9.47
C ALA A 486 -9.82 -0.30 -8.45
N LEU A 487 -10.95 -0.99 -8.64
CA LEU A 487 -11.97 -1.04 -7.61
C LEU A 487 -11.47 -1.86 -6.43
N THR A 488 -11.78 -1.40 -5.23
CA THR A 488 -11.28 -2.06 -4.02
C THR A 488 -12.40 -2.24 -3.01
N ILE A 489 -12.10 -3.04 -1.98
CA ILE A 489 -13.01 -3.21 -0.85
C ILE A 489 -12.17 -3.65 0.34
N GLY A 490 -12.63 -3.31 1.54
CA GLY A 490 -11.91 -3.64 2.75
C GLY A 490 -12.30 -4.98 3.35
N LYS A 491 -13.60 -5.24 3.48
CA LYS A 491 -14.05 -6.51 4.02
C LYS A 491 -13.77 -7.63 3.03
N ILE A 492 -13.76 -8.87 3.55
CA ILE A 492 -13.59 -10.02 2.67
C ILE A 492 -14.85 -10.21 1.84
N LEU A 493 -14.68 -10.29 0.53
CA LEU A 493 -15.78 -10.55 -0.39
C LEU A 493 -15.46 -11.81 -1.17
N ILE A 494 -16.35 -12.80 -1.08
CA ILE A 494 -16.28 -14.04 -1.86
C ILE A 494 -17.70 -14.40 -2.22
N LYS A 495 -18.07 -14.27 -3.49
CA LYS A 495 -19.39 -14.67 -3.94
C LYS A 495 -19.26 -15.42 -5.26
N THR A 496 -20.03 -16.49 -5.40
CA THR A 496 -19.89 -17.40 -6.53
C THR A 496 -21.16 -17.48 -7.34
N ALA A 497 -21.01 -17.92 -8.59
CA ALA A 497 -22.16 -18.10 -9.46
C ALA A 497 -21.83 -19.15 -10.52
N LEU A 498 -22.86 -19.84 -10.97
CA LEU A 498 -22.78 -20.83 -12.04
C LEU A 498 -23.80 -20.41 -13.10
N ILE A 499 -23.34 -19.76 -14.17
CA ILE A 499 -24.22 -19.08 -15.11
C ILE A 499 -23.93 -19.58 -16.52
N ASN A 500 -24.86 -20.34 -17.09
CA ASN A 500 -24.80 -20.80 -18.48
C ASN A 500 -23.42 -21.37 -18.84
N ASN A 501 -23.04 -22.41 -18.08
CA ASN A 501 -21.77 -23.12 -18.27
C ASN A 501 -20.55 -22.24 -18.02
N LYS A 502 -20.66 -21.28 -17.11
CA LYS A 502 -19.51 -20.46 -16.74
C LYS A 502 -19.42 -20.39 -15.23
N THR A 503 -18.32 -20.90 -14.67
CA THR A 503 -18.03 -20.66 -13.27
C THR A 503 -17.56 -19.22 -13.11
N MET A 504 -18.12 -18.53 -12.10
CA MET A 504 -17.84 -17.12 -11.89
C MET A 504 -17.70 -16.85 -10.39
N ILE A 505 -16.63 -16.17 -10.01
CA ILE A 505 -16.35 -15.83 -8.61
C ILE A 505 -15.89 -14.38 -8.55
N VAL A 506 -16.65 -13.52 -7.87
CA VAL A 506 -16.22 -12.15 -7.60
C VAL A 506 -15.61 -12.11 -6.20
N TYR A 507 -14.46 -11.45 -6.07
CA TYR A 507 -13.74 -11.60 -4.80
C TYR A 507 -12.74 -10.46 -4.60
N LYS A 508 -12.45 -10.20 -3.33
CA LYS A 508 -11.29 -9.40 -2.96
C LYS A 508 -10.03 -10.23 -3.20
N ASN A 509 -9.16 -9.77 -4.09
CA ASN A 509 -8.01 -10.58 -4.46
C ASN A 509 -6.87 -10.37 -3.47
N ALA A 510 -5.69 -10.88 -3.80
CA ALA A 510 -4.57 -10.87 -2.87
C ALA A 510 -4.02 -9.47 -2.65
N SER A 511 -4.21 -8.56 -3.59
CA SER A 511 -3.78 -7.17 -3.43
C SER A 511 -4.86 -6.30 -2.82
N GLY A 512 -6.00 -6.87 -2.41
CA GLY A 512 -7.09 -6.07 -1.88
C GLY A 512 -7.95 -5.40 -2.92
N LEU A 513 -7.91 -5.87 -4.17
CA LEU A 513 -8.66 -5.30 -5.27
C LEU A 513 -9.71 -6.28 -5.76
N ILE A 514 -10.68 -5.77 -6.50
CA ILE A 514 -11.84 -6.56 -6.93
C ILE A 514 -11.50 -7.29 -8.23
N SER A 515 -11.72 -8.60 -8.23
CA SER A 515 -11.51 -9.42 -9.40
C SER A 515 -12.72 -10.30 -9.65
N LEU A 516 -12.84 -10.77 -10.89
CA LEU A 516 -13.85 -11.75 -11.28
C LEU A 516 -13.12 -12.91 -11.92
N ASP A 517 -13.11 -14.06 -11.25
CA ASP A 517 -12.50 -15.27 -11.78
C ASP A 517 -13.53 -16.06 -12.55
N VAL A 518 -13.30 -16.26 -13.85
CA VAL A 518 -14.17 -17.07 -14.69
C VAL A 518 -13.37 -18.26 -15.18
N GLY A 519 -13.91 -19.46 -14.96
CA GLY A 519 -13.25 -20.67 -15.42
C GLY A 519 -12.27 -21.27 -14.44
N SER A 520 -12.30 -20.87 -13.17
CA SER A 520 -11.46 -21.46 -12.13
C SER A 520 -9.96 -21.24 -12.41
N SER A 521 -9.62 -20.12 -13.04
CA SER A 521 -8.22 -19.83 -13.27
C SER A 521 -7.49 -19.49 -11.97
N VAL A 522 -8.20 -19.05 -10.93
CA VAL A 522 -7.54 -18.66 -9.69
C VAL A 522 -8.13 -19.40 -8.50
N ARG A 523 -9.46 -19.51 -8.44
CA ARG A 523 -10.13 -20.02 -7.25
C ARG A 523 -11.02 -21.20 -7.57
N SER A 524 -11.28 -22.02 -6.55
CA SER A 524 -12.12 -23.20 -6.64
C SER A 524 -13.56 -22.83 -6.29
N ILE A 525 -14.48 -23.09 -7.22
CA ILE A 525 -15.87 -22.70 -6.98
C ILE A 525 -16.52 -23.59 -5.93
N VAL A 526 -16.11 -24.85 -5.84
CA VAL A 526 -16.64 -25.72 -4.79
C VAL A 526 -16.20 -25.21 -3.42
N GLU A 527 -14.91 -24.87 -3.28
CA GLU A 527 -14.39 -24.43 -1.99
C GLU A 527 -14.99 -23.09 -1.57
N ASP A 528 -15.20 -22.19 -2.53
CA ASP A 528 -15.73 -20.86 -2.21
C ASP A 528 -17.23 -20.88 -1.94
N SER A 529 -17.96 -21.80 -2.55
CA SER A 529 -19.41 -21.90 -2.31
C SER A 529 -19.73 -22.66 -1.04
N GLY A 530 -18.91 -23.65 -0.69
CA GLY A 530 -19.22 -24.52 0.43
C GLY A 530 -20.06 -25.71 0.00
N VAL A 531 -20.04 -26.73 0.85
CA VAL A 531 -20.72 -27.99 0.58
C VAL A 531 -21.67 -28.29 1.73
N LYS A 532 -22.94 -28.54 1.41
CA LYS A 532 -23.89 -29.04 2.39
C LYS A 532 -23.54 -30.49 2.71
N ARG A 533 -22.63 -30.69 3.66
CA ARG A 533 -22.08 -32.02 3.91
C ARG A 533 -23.16 -33.01 4.31
N GLU A 534 -24.13 -32.57 5.12
CA GLU A 534 -25.18 -33.48 5.58
C GLU A 534 -26.23 -33.77 4.52
N GLN A 535 -26.18 -33.11 3.37
CA GLN A 535 -27.10 -33.37 2.27
C GLN A 535 -26.48 -34.19 1.16
N ILE A 536 -25.29 -34.77 1.38
CA ILE A 536 -24.66 -35.62 0.39
C ILE A 536 -25.47 -36.91 0.26
N LEU A 537 -25.74 -37.32 -0.97
CA LEU A 537 -26.55 -38.50 -1.27
C LEU A 537 -25.74 -39.49 -2.08
N ILE A 538 -25.82 -40.77 -1.69
CA ILE A 538 -25.12 -41.86 -2.36
C ILE A 538 -26.18 -42.82 -2.91
N ASP A 539 -26.17 -43.03 -4.22
CA ASP A 539 -27.09 -43.96 -4.89
C ASP A 539 -26.29 -45.20 -5.28
N LYS A 540 -26.44 -46.27 -4.51
CA LYS A 540 -25.62 -47.46 -4.69
C LYS A 540 -26.02 -48.30 -5.91
N THR A 541 -27.16 -48.00 -6.54
CA THR A 541 -27.55 -48.73 -7.75
C THR A 541 -26.95 -48.14 -9.01
N SER A 542 -26.75 -46.82 -9.06
CA SER A 542 -26.12 -46.17 -10.21
C SER A 542 -24.70 -45.72 -9.92
N GLY A 543 -24.23 -45.82 -8.69
CA GLY A 543 -22.90 -45.35 -8.32
C GLY A 543 -22.75 -43.85 -8.28
N LYS A 544 -23.85 -43.10 -8.36
CA LYS A 544 -23.80 -41.65 -8.36
C LYS A 544 -23.73 -41.13 -6.94
N VAL A 545 -22.82 -40.19 -6.69
CA VAL A 545 -22.71 -39.50 -5.41
C VAL A 545 -23.01 -38.03 -5.67
N THR A 546 -24.10 -37.53 -5.09
CA THR A 546 -24.50 -36.15 -5.29
C THR A 546 -23.97 -35.28 -4.15
N ILE A 547 -23.33 -34.17 -4.51
CA ILE A 547 -22.77 -33.25 -3.53
C ILE A 547 -23.32 -31.86 -3.81
N PRO A 548 -24.39 -31.44 -3.14
CA PRO A 548 -24.96 -30.11 -3.43
C PRO A 548 -24.07 -29.00 -2.89
N LEU A 549 -24.01 -27.90 -3.63
CA LEU A 549 -23.24 -26.73 -3.23
C LEU A 549 -24.09 -25.80 -2.38
N ASN A 550 -23.44 -25.11 -1.45
CA ASN A 550 -24.14 -24.32 -0.44
C ASN A 550 -24.56 -22.94 -0.95
N GLU A 551 -23.62 -22.00 -0.99
CA GLU A 551 -23.92 -20.61 -1.35
C GLU A 551 -23.41 -20.35 -2.76
N ILE A 552 -24.32 -20.31 -3.72
CA ILE A 552 -23.97 -20.09 -5.11
C ILE A 552 -25.21 -19.63 -5.86
N HIS A 553 -25.03 -18.66 -6.75
CA HIS A 553 -26.09 -18.15 -7.59
C HIS A 553 -26.10 -18.92 -8.91
N VAL A 554 -27.18 -19.64 -9.16
CA VAL A 554 -27.30 -20.51 -10.34
C VAL A 554 -28.33 -19.94 -11.29
N PHE A 555 -27.94 -19.74 -12.55
CA PHE A 555 -28.84 -19.26 -13.59
C PHE A 555 -28.56 -20.04 -14.87
N GLY A 556 -29.60 -20.67 -15.43
CA GLY A 556 -29.45 -21.43 -16.64
C GLY A 556 -29.01 -22.86 -16.40
N GLU A 557 -28.73 -23.54 -17.51
CA GLU A 557 -28.22 -24.91 -17.47
C GLU A 557 -26.70 -24.87 -17.53
N SER A 558 -26.04 -25.65 -16.67
CA SER A 558 -24.59 -25.76 -16.69
C SER A 558 -24.18 -27.20 -16.47
N LEU A 559 -23.17 -27.64 -17.22
CA LEU A 559 -22.57 -28.97 -17.05
C LEU A 559 -21.08 -28.82 -17.29
N ILE A 560 -20.30 -28.79 -16.21
CA ILE A 560 -18.85 -28.65 -16.27
C ILE A 560 -18.23 -30.01 -15.95
N GLU A 561 -17.54 -30.59 -16.92
CA GLU A 561 -16.88 -31.88 -16.73
C GLU A 561 -15.65 -31.72 -15.85
N GLY A 562 -15.43 -32.69 -14.97
CA GLY A 562 -14.26 -32.72 -14.12
C GLY A 562 -13.97 -34.12 -13.68
N ASN A 563 -13.35 -34.26 -12.51
CA ASN A 563 -13.14 -35.58 -11.91
C ASN A 563 -12.97 -35.40 -10.40
N ALA A 564 -12.82 -36.53 -9.71
CA ALA A 564 -12.66 -36.53 -8.26
C ALA A 564 -11.72 -37.66 -7.87
N GLU A 565 -11.06 -37.48 -6.73
CA GLU A 565 -10.08 -38.43 -6.22
C GLU A 565 -10.59 -39.06 -4.93
N LEU A 566 -10.58 -40.39 -4.86
CA LEU A 566 -10.99 -41.11 -3.68
C LEU A 566 -9.78 -41.81 -3.06
N LYS A 567 -9.59 -41.63 -1.77
CA LYS A 567 -8.57 -42.34 -1.01
C LYS A 567 -9.22 -42.93 0.23
N PRO A 568 -8.93 -44.18 0.57
CA PRO A 568 -9.53 -44.77 1.78
C PRO A 568 -9.02 -44.06 3.03
N VAL A 569 -9.91 -43.92 4.00
CA VAL A 569 -9.57 -43.24 5.26
C VAL A 569 -8.74 -44.18 6.12
N GLY A 570 -7.66 -43.65 6.69
CA GLY A 570 -6.83 -44.42 7.59
C GLY A 570 -5.54 -44.93 6.98
N ILE A 571 -5.61 -45.38 5.73
CA ILE A 571 -4.45 -45.92 5.04
C ILE A 571 -3.53 -44.76 4.66
N SER A 572 -2.35 -44.71 5.29
CA SER A 572 -1.46 -43.56 5.11
C SER A 572 -0.99 -43.45 3.66
N ASP A 573 -0.36 -44.50 3.14
CA ASP A 573 0.14 -44.51 1.76
C ASP A 573 -0.91 -45.02 0.78
N ALA A 574 -2.16 -44.60 0.95
CA ALA A 574 -3.24 -45.11 0.12
C ALA A 574 -3.11 -44.62 -1.31
N ASP A 575 -3.40 -45.51 -2.27
CA ASP A 575 -3.34 -45.12 -3.66
C ASP A 575 -4.66 -44.49 -4.09
N PRO A 576 -4.62 -43.43 -4.89
CA PRO A 576 -5.85 -42.72 -5.24
C PRO A 576 -6.69 -43.50 -6.24
N ILE A 577 -7.98 -43.23 -6.21
CA ILE A 577 -8.95 -43.79 -7.14
C ILE A 577 -9.62 -42.63 -7.86
N ASN A 578 -9.42 -42.54 -9.17
CA ASN A 578 -9.87 -41.41 -9.97
C ASN A 578 -11.13 -41.80 -10.74
N VAL A 579 -12.17 -40.97 -10.60
CA VAL A 579 -13.44 -41.17 -11.29
C VAL A 579 -13.89 -39.83 -11.87
N LYS A 580 -14.83 -39.90 -12.80
CA LYS A 580 -15.36 -38.71 -13.43
C LYS A 580 -16.36 -38.01 -12.53
N ALA A 581 -16.32 -36.68 -12.54
CA ALA A 581 -17.26 -35.85 -11.80
C ALA A 581 -17.80 -34.74 -12.70
N LYS A 582 -18.95 -34.20 -12.32
CA LYS A 582 -19.62 -33.18 -13.11
C LYS A 582 -20.18 -32.10 -12.19
N LEU A 583 -19.88 -30.84 -12.50
CA LEU A 583 -20.53 -29.71 -11.84
C LEU A 583 -21.77 -29.35 -12.64
N ILE A 584 -22.94 -29.51 -12.02
CA ILE A 584 -24.22 -29.38 -12.70
C ILE A 584 -24.98 -28.20 -12.11
N GLY A 585 -25.51 -27.34 -12.98
CA GLY A 585 -26.41 -26.30 -12.57
C GLY A 585 -27.77 -26.44 -13.21
N GLU A 586 -28.82 -26.57 -12.39
CA GLU A 586 -30.17 -26.67 -12.91
C GLU A 586 -31.15 -26.25 -11.83
N ALA A 587 -32.25 -25.60 -12.26
CA ALA A 587 -33.30 -25.17 -11.35
C ALA A 587 -32.75 -24.30 -10.22
N ASN A 588 -31.80 -23.43 -10.57
CA ASN A 588 -31.22 -22.48 -9.62
C ASN A 588 -30.53 -23.17 -8.45
N LYS A 589 -30.07 -24.40 -8.66
CA LYS A 589 -29.28 -25.12 -7.67
C LYS A 589 -28.06 -25.74 -8.36
N ALA A 590 -27.00 -25.91 -7.59
CA ALA A 590 -25.73 -26.43 -8.08
C ALA A 590 -25.33 -27.67 -7.29
N ARG A 591 -24.74 -28.64 -7.96
CA ARG A 591 -24.31 -29.86 -7.32
C ARG A 591 -23.17 -30.47 -8.12
N VAL A 592 -22.33 -31.22 -7.43
CA VAL A 592 -21.28 -32.02 -8.06
C VAL A 592 -21.69 -33.48 -7.97
N GLU A 593 -21.85 -34.12 -9.12
CA GLU A 593 -22.11 -35.55 -9.19
C GLU A 593 -20.79 -36.27 -9.43
N VAL A 594 -20.44 -37.15 -8.51
CA VAL A 594 -19.25 -38.00 -8.63
C VAL A 594 -19.72 -39.39 -9.05
N LEU A 595 -19.30 -39.82 -10.23
CA LEU A 595 -19.78 -41.06 -10.84
C LEU A 595 -18.84 -42.20 -10.47
N LEU A 596 -19.15 -42.89 -9.37
CA LEU A 596 -18.42 -44.10 -9.03
C LEU A 596 -18.72 -45.22 -10.01
N GLY A 597 -19.94 -45.24 -10.55
CA GLY A 597 -20.37 -46.24 -11.52
C GLY A 597 -20.18 -47.67 -11.09
N ASP A 598 -19.22 -48.34 -11.71
CA ASP A 598 -19.01 -49.77 -11.56
C ASP A 598 -17.92 -50.13 -10.55
N GLU A 599 -17.21 -49.14 -10.01
CA GLU A 599 -16.09 -49.40 -9.13
C GLU A 599 -16.52 -50.19 -7.89
N LYS A 600 -15.69 -51.14 -7.49
CA LYS A 600 -15.92 -51.92 -6.27
C LYS A 600 -15.20 -51.22 -5.12
N LEU A 601 -15.99 -50.70 -4.17
CA LEU A 601 -15.45 -49.94 -3.05
C LEU A 601 -16.13 -50.39 -1.77
N SER A 602 -15.43 -50.18 -0.65
CA SER A 602 -16.00 -50.51 0.65
C SER A 602 -15.31 -49.68 1.72
N GLY A 603 -16.07 -49.28 2.73
CA GLY A 603 -15.54 -48.48 3.81
C GLY A 603 -15.62 -46.99 3.53
N GLU A 604 -14.97 -46.23 4.41
CA GLU A 604 -14.95 -44.78 4.31
C GLU A 604 -13.85 -44.33 3.34
N TYR A 605 -14.10 -43.19 2.68
CA TYR A 605 -13.18 -42.67 1.68
C TYR A 605 -13.17 -41.15 1.72
N HIS A 606 -11.98 -40.57 1.56
CA HIS A 606 -11.89 -39.14 1.30
C HIS A 606 -12.33 -38.88 -0.13
N LEU A 607 -12.97 -37.72 -0.34
CA LEU A 607 -13.41 -37.29 -1.66
C LEU A 607 -12.93 -35.87 -1.88
N VAL A 608 -12.17 -35.67 -2.96
CA VAL A 608 -11.68 -34.35 -3.33
C VAL A 608 -12.08 -34.11 -4.78
N THR A 609 -12.89 -33.09 -5.01
CA THR A 609 -13.34 -32.80 -6.36
C THR A 609 -12.29 -31.96 -7.09
N ASN A 610 -12.21 -32.16 -8.40
CA ASN A 610 -11.25 -31.48 -9.26
C ASN A 610 -12.03 -30.96 -10.47
N ILE A 611 -12.62 -29.78 -10.33
CA ILE A 611 -13.40 -29.15 -11.38
C ILE A 611 -12.57 -28.02 -11.98
N GLN A 612 -12.28 -28.12 -13.29
CA GLN A 612 -11.53 -27.09 -14.02
C GLN A 612 -10.15 -26.86 -13.42
N GLY A 613 -9.53 -27.92 -12.92
CA GLY A 613 -8.16 -27.82 -12.45
C GLY A 613 -7.99 -27.20 -11.07
N LYS A 614 -9.05 -27.17 -10.27
CA LYS A 614 -8.99 -26.66 -8.91
C LYS A 614 -9.59 -27.70 -7.98
N LYS A 615 -8.91 -27.98 -6.88
CA LYS A 615 -9.39 -28.94 -5.90
C LYS A 615 -9.97 -28.19 -4.70
N ASP A 616 -10.95 -28.82 -4.06
CA ASP A 616 -11.59 -28.23 -2.90
C ASP A 616 -10.92 -28.71 -1.62
N LYS A 617 -11.12 -27.95 -0.55
CA LYS A 617 -10.62 -28.31 0.77
C LYS A 617 -11.79 -28.40 1.75
N GLN A 618 -12.83 -29.14 1.36
CA GLN A 618 -14.05 -29.25 2.17
C GLN A 618 -14.06 -30.46 3.08
N GLN A 619 -12.98 -31.26 3.08
CA GLN A 619 -12.87 -32.39 3.99
C GLN A 619 -14.04 -33.36 3.82
N ILE A 620 -14.44 -33.59 2.57
CA ILE A 620 -15.56 -34.47 2.29
C ILE A 620 -15.16 -35.92 2.53
N LYS A 621 -16.05 -36.67 3.19
CA LYS A 621 -15.87 -38.10 3.38
C LYS A 621 -17.19 -38.81 3.09
N ILE A 622 -17.09 -39.91 2.34
CA ILE A 622 -18.25 -40.74 2.05
C ILE A 622 -17.96 -42.17 2.52
N THR A 623 -19.04 -42.90 2.79
CA THR A 623 -18.95 -44.29 3.21
C THR A 623 -19.74 -45.15 2.24
N LEU A 624 -19.08 -46.18 1.70
CA LEU A 624 -19.73 -47.09 0.77
C LEU A 624 -19.99 -48.45 1.43
N ILE B 20 26.34 -3.59 48.20
CA ILE B 20 25.84 -3.95 46.89
C ILE B 20 24.34 -3.65 46.79
N LYS B 21 23.95 -2.99 45.70
CA LYS B 21 22.56 -2.55 45.51
C LYS B 21 21.79 -3.37 44.47
N ILE B 22 22.46 -3.86 43.43
CA ILE B 22 21.79 -4.59 42.35
C ILE B 22 22.70 -5.72 41.89
N SER B 23 22.12 -6.90 41.70
CA SER B 23 22.85 -8.06 41.18
C SER B 23 22.25 -8.44 39.82
N VAL B 24 23.09 -8.41 38.79
CA VAL B 24 22.65 -8.76 37.43
C VAL B 24 22.91 -10.23 37.21
N VAL B 25 21.84 -11.02 37.16
CA VAL B 25 21.95 -12.43 36.83
C VAL B 25 21.94 -12.57 35.31
N VAL B 26 22.81 -13.42 34.79
CA VAL B 26 22.94 -13.61 33.35
C VAL B 26 23.01 -15.10 33.02
N PRO B 27 22.04 -15.65 32.29
CA PRO B 27 22.15 -17.03 31.82
C PRO B 27 23.28 -17.17 30.82
N THR B 28 24.33 -17.90 31.21
CA THR B 28 25.52 -18.02 30.36
C THR B 28 25.16 -18.67 29.03
N TYR B 29 25.65 -18.09 27.95
CA TYR B 29 25.44 -18.63 26.62
C TYR B 29 26.57 -18.14 25.72
N ASN B 30 27.51 -19.02 25.42
CA ASN B 30 28.71 -18.71 24.64
C ASN B 30 29.54 -17.63 25.33
N LEU B 36 29.76 -11.70 25.25
CA LEU B 36 29.91 -11.22 26.62
C LEU B 36 30.00 -9.69 26.66
N LYS B 37 30.94 -9.13 25.88
CA LYS B 37 31.12 -7.68 25.87
C LYS B 37 29.87 -6.97 25.36
N ASN B 38 29.12 -7.61 24.46
CA ASN B 38 27.84 -7.06 24.04
C ASN B 38 26.91 -6.85 25.23
N LEU B 39 26.84 -7.85 26.10
CA LEU B 39 25.97 -7.76 27.27
C LEU B 39 26.45 -6.68 28.24
N MET B 40 27.77 -6.51 28.35
CA MET B 40 28.34 -5.55 29.28
C MET B 40 28.34 -4.11 28.75
N ALA B 41 28.06 -3.91 27.46
CA ALA B 41 28.07 -2.57 26.89
C ALA B 41 27.02 -1.68 27.54
N SER B 42 25.79 -2.18 27.65
CA SER B 42 24.73 -1.40 28.28
C SER B 42 24.92 -1.32 29.79
N ILE B 43 25.58 -2.32 30.39
CA ILE B 43 25.73 -2.33 31.84
C ILE B 43 26.79 -1.33 32.29
N ASP B 44 27.89 -1.21 31.55
CA ASP B 44 28.96 -0.32 31.95
C ASP B 44 28.56 1.15 31.87
N LYS B 45 27.55 1.48 31.07
CA LYS B 45 27.11 2.86 30.90
C LYS B 45 26.01 3.25 31.88
N GLN B 46 25.90 2.54 33.01
CA GLN B 46 24.92 2.88 34.03
C GLN B 46 25.42 4.05 34.89
N THR B 47 24.48 4.89 35.31
CA THR B 47 24.82 6.04 36.13
C THR B 47 25.15 5.67 37.58
N MET B 48 24.66 4.52 38.05
CA MET B 48 24.96 4.09 39.40
C MET B 48 26.43 3.73 39.54
N ASN B 49 26.96 3.93 40.74
CA ASN B 49 28.35 3.61 41.06
C ASN B 49 28.65 2.15 40.72
N PRO B 50 29.65 1.87 39.89
CA PRO B 50 29.88 0.47 39.47
C PRO B 50 30.17 -0.49 40.60
N ASP B 51 30.77 -0.03 41.71
CA ASP B 51 31.01 -0.90 42.85
C ASP B 51 29.76 -1.13 43.68
N GLU B 52 28.65 -0.49 43.35
CA GLU B 52 27.38 -0.71 44.04
C GLU B 52 26.52 -1.77 43.38
N TYR B 53 26.97 -2.35 42.26
CA TYR B 53 26.26 -3.45 41.63
C TYR B 53 27.25 -4.51 41.18
N GLU B 54 26.80 -5.76 41.17
CA GLU B 54 27.60 -6.90 40.77
C GLU B 54 26.93 -7.65 39.63
N LEU B 55 27.72 -8.48 38.95
CA LEU B 55 27.25 -9.29 37.84
C LEU B 55 27.62 -10.75 38.11
N VAL B 56 26.67 -11.66 37.89
CA VAL B 56 26.83 -13.06 38.23
C VAL B 56 26.74 -13.89 36.96
N PHE B 57 27.84 -14.57 36.62
CA PHE B 57 27.88 -15.53 35.52
C PHE B 57 27.92 -16.93 36.08
N VAL B 58 27.19 -17.85 35.45
CA VAL B 58 27.16 -19.23 35.91
C VAL B 58 27.33 -20.21 34.76
N GLU B 68 37.37 -21.09 29.75
CA GLU B 68 38.66 -20.51 30.09
C GLU B 68 38.66 -19.01 29.81
N ARG B 69 38.02 -18.61 28.70
CA ARG B 69 37.86 -17.18 28.44
C ARG B 69 36.97 -16.53 29.48
N LEU B 70 36.00 -17.27 30.01
CA LEU B 70 35.14 -16.73 31.06
C LEU B 70 35.94 -16.37 32.31
N GLN B 71 37.00 -17.12 32.60
CA GLN B 71 37.88 -16.77 33.70
C GLN B 71 38.74 -15.55 33.36
N GLU B 72 39.23 -15.49 32.12
CA GLU B 72 40.02 -14.33 31.69
C GLU B 72 39.20 -13.05 31.75
N PHE B 73 37.90 -13.14 31.48
CA PHE B 73 37.07 -11.94 31.47
C PHE B 73 36.72 -11.49 32.89
N ALA B 74 36.51 -12.44 33.80
CA ALA B 74 36.09 -12.10 35.15
C ALA B 74 37.24 -11.57 35.99
N GLU B 75 38.44 -12.16 35.84
CA GLU B 75 39.57 -11.76 36.67
C GLU B 75 40.00 -10.32 36.43
N THR B 76 39.60 -9.72 35.31
CA THR B 76 39.93 -8.33 35.01
C THR B 76 38.80 -7.36 35.36
N ARG B 77 37.78 -7.83 36.06
CA ARG B 77 36.66 -6.99 36.46
C ARG B 77 36.39 -7.19 37.95
N PRO B 78 36.30 -6.10 38.73
CA PRO B 78 36.16 -6.27 40.19
C PRO B 78 34.77 -6.64 40.64
N ASN B 79 33.75 -6.46 39.81
CA ASN B 79 32.36 -6.74 40.19
C ASN B 79 31.79 -7.99 39.54
N MET B 80 32.59 -8.72 38.75
CA MET B 80 32.12 -9.91 38.07
C MET B 80 32.41 -11.16 38.91
N THR B 81 31.50 -12.13 38.83
CA THR B 81 31.60 -13.39 39.56
C THR B 81 31.23 -14.52 38.62
N VAL B 82 32.23 -15.13 37.99
CA VAL B 82 32.02 -16.25 37.09
C VAL B 82 32.04 -17.57 37.87
N SER B 92 17.00 -22.68 33.56
CA SER B 92 16.33 -22.19 34.75
C SER B 92 17.14 -22.53 36.01
N ARG B 93 17.79 -23.69 35.99
CA ARG B 93 18.63 -24.09 37.12
C ARG B 93 19.82 -23.16 37.37
N PRO B 94 20.57 -22.72 36.35
CA PRO B 94 21.65 -21.75 36.64
C PRO B 94 21.15 -20.43 37.17
N ARG B 95 19.90 -20.05 36.88
CA ARG B 95 19.37 -18.80 37.40
C ARG B 95 19.01 -18.92 38.88
N ASN B 96 18.59 -20.11 39.32
CA ASN B 96 18.31 -20.32 40.73
C ASN B 96 19.60 -20.32 41.55
N ILE B 97 20.68 -20.89 40.99
CA ILE B 97 21.96 -20.90 41.68
C ILE B 97 22.49 -19.49 41.84
N ALA B 98 22.43 -18.69 40.76
CA ALA B 98 22.90 -17.32 40.84
C ALA B 98 22.04 -16.47 41.77
N THR B 99 20.77 -16.85 41.95
CA THR B 99 19.90 -16.10 42.86
C THR B 99 20.31 -16.32 44.31
N LYS B 100 20.62 -17.56 44.68
CA LYS B 100 21.05 -17.84 46.05
C LYS B 100 22.37 -17.16 46.36
N MET B 101 23.34 -17.24 45.44
CA MET B 101 24.71 -16.78 45.71
C MET B 101 24.88 -15.27 45.58
N ALA B 102 23.92 -14.57 44.98
CA ALA B 102 24.05 -13.13 44.85
C ALA B 102 24.02 -12.46 46.22
N LYS B 103 24.62 -11.27 46.30
CA LYS B 103 24.68 -10.51 47.54
C LYS B 103 24.04 -9.14 47.42
N GLY B 104 23.28 -8.87 46.35
CA GLY B 104 22.63 -7.60 46.18
C GLY B 104 21.21 -7.58 46.72
N GLU B 105 20.71 -6.37 46.99
CA GLU B 105 19.36 -6.24 47.53
C GLU B 105 18.32 -6.57 46.48
N TYR B 106 18.58 -6.21 45.21
CA TYR B 106 17.68 -6.48 44.11
C TYR B 106 18.38 -7.27 43.02
N ILE B 107 17.59 -8.01 42.25
CA ILE B 107 18.09 -8.90 41.21
C ILE B 107 17.36 -8.60 39.91
N LEU B 108 18.12 -8.41 38.84
CA LEU B 108 17.59 -8.24 37.50
C LEU B 108 18.01 -9.42 36.63
N TYR B 109 17.03 -10.03 35.96
CA TYR B 109 17.28 -11.19 35.11
C TYR B 109 17.43 -10.69 33.67
N LEU B 110 18.66 -10.34 33.32
CA LEU B 110 18.97 -9.82 32.00
C LEU B 110 19.10 -10.94 30.99
N ASP B 111 18.70 -10.66 29.75
CA ASP B 111 18.75 -11.60 28.66
C ASP B 111 19.70 -11.11 27.58
N HIS B 112 20.08 -12.02 26.69
CA HIS B 112 20.96 -11.66 25.58
C HIS B 112 20.23 -10.71 24.64
N ASP B 113 20.98 -9.74 24.11
CA ASP B 113 20.48 -8.73 23.18
C ASP B 113 19.71 -7.63 23.91
N ASP B 114 19.15 -7.94 25.07
CA ASP B 114 18.40 -6.94 25.81
C ASP B 114 19.33 -5.88 26.39
N THR B 115 18.90 -4.63 26.32
CA THR B 115 19.66 -3.51 26.85
C THR B 115 18.92 -2.89 28.03
N VAL B 116 19.63 -2.04 28.76
CA VAL B 116 19.08 -1.34 29.92
C VAL B 116 19.48 0.13 29.81
N PHE B 117 18.51 1.02 30.05
CA PHE B 117 18.74 2.45 29.85
C PHE B 117 19.73 2.98 30.89
N PRO B 118 20.48 4.04 30.55
CA PRO B 118 21.66 4.39 31.36
C PRO B 118 21.36 4.86 32.78
N GLU B 119 20.12 5.22 33.10
CA GLU B 119 19.78 5.71 34.43
C GLU B 119 18.83 4.78 35.17
N THR B 120 18.67 3.55 34.68
CA THR B 120 17.69 2.64 35.25
C THR B 120 18.08 2.17 36.65
N PHE B 121 19.36 1.81 36.84
CA PHE B 121 19.78 1.21 38.11
C PHE B 121 19.52 2.14 39.28
N GLU B 122 19.96 3.40 39.18
CA GLU B 122 19.84 4.31 40.30
C GLU B 122 18.40 4.76 40.52
N ARG B 123 17.58 4.75 39.47
CA ARG B 123 16.18 5.14 39.62
C ARG B 123 15.36 4.02 40.26
N VAL B 124 15.57 2.78 39.82
CA VAL B 124 14.78 1.66 40.34
C VAL B 124 15.12 1.39 41.79
N TYR B 125 16.40 1.46 42.16
CA TYR B 125 16.80 1.19 43.53
C TYR B 125 16.20 2.21 44.49
N ASN B 126 16.31 3.50 44.15
CA ASN B 126 15.76 4.54 45.01
C ASN B 126 14.25 4.45 45.11
N PHE B 127 13.59 3.95 44.06
CA PHE B 127 12.13 3.83 44.10
C PHE B 127 11.70 2.66 44.98
N GLY B 128 12.46 1.56 44.95
CA GLY B 128 12.11 0.39 45.74
C GLY B 128 12.48 0.52 47.20
N LYS B 129 13.69 1.01 47.48
CA LYS B 129 14.18 1.08 48.86
C LYS B 129 13.38 2.08 49.68
N GLU B 130 13.00 3.21 49.09
CA GLU B 130 12.24 4.21 49.82
C GLU B 130 10.81 3.75 50.08
N ASN B 131 10.25 2.94 49.19
CA ASN B 131 8.93 2.37 49.38
C ASN B 131 8.98 0.91 49.84
N ASN B 132 10.16 0.43 50.23
CA ASN B 132 10.33 -0.91 50.80
C ASN B 132 9.72 -1.98 49.88
N LEU B 133 9.91 -1.80 48.58
CA LEU B 133 9.27 -2.68 47.60
C LEU B 133 10.01 -4.00 47.48
N ASP B 134 9.24 -5.08 47.25
CA ASP B 134 9.82 -6.38 46.96
C ASP B 134 9.96 -6.62 45.47
N VAL B 135 9.14 -5.97 44.64
CA VAL B 135 9.22 -6.06 43.20
C VAL B 135 8.98 -4.67 42.62
N VAL B 136 9.86 -4.23 41.73
CA VAL B 136 9.68 -2.98 41.00
C VAL B 136 9.31 -3.33 39.57
N SER B 137 8.07 -2.98 39.18
CA SER B 137 7.60 -3.24 37.82
C SER B 137 7.86 -2.00 36.98
N GLY B 138 9.11 -1.89 36.52
CA GLY B 138 9.50 -0.73 35.74
C GLY B 138 8.97 -0.78 34.32
N LYS B 139 8.87 0.40 33.71
CA LYS B 139 8.35 0.50 32.36
C LYS B 139 9.25 -0.25 31.37
N GLU B 140 8.63 -1.08 30.54
CA GLU B 140 9.35 -1.92 29.59
C GLU B 140 9.14 -1.39 28.17
N VAL B 141 10.20 -1.47 27.36
CA VAL B 141 10.22 -0.95 26.01
C VAL B 141 10.42 -2.11 25.04
N ARG B 142 9.65 -2.11 23.95
CA ARG B 142 9.77 -3.12 22.90
C ARG B 142 9.95 -2.45 21.55
N THR B 143 10.54 -3.20 20.61
CA THR B 143 10.96 -2.62 19.34
C THR B 143 9.78 -2.16 18.51
N ASN B 144 8.86 -3.08 18.20
CA ASN B 144 7.71 -2.77 17.37
C ASN B 144 6.48 -2.48 18.24
N GLY B 145 5.43 -2.00 17.59
CA GLY B 145 4.22 -1.62 18.28
C GLY B 145 4.23 -0.18 18.73
N TRP B 146 3.04 0.30 19.09
CA TRP B 146 2.87 1.66 19.58
C TRP B 146 2.66 1.73 21.09
N SER B 147 2.65 0.60 21.78
CA SER B 147 2.49 0.59 23.22
C SER B 147 2.99 -0.73 23.78
N TRP B 148 3.23 -0.72 25.09
CA TRP B 148 3.54 -1.93 25.85
C TRP B 148 3.25 -1.60 27.30
N GLY B 149 2.37 -2.37 27.92
CA GLY B 149 1.88 -2.02 29.24
C GLY B 149 1.12 -0.72 29.25
N TRP B 150 0.28 -0.49 28.23
CA TRP B 150 -0.40 0.79 28.08
C TRP B 150 -1.21 1.13 29.33
N LYS B 151 -1.96 0.16 29.85
CA LYS B 151 -2.80 0.42 31.02
C LYS B 151 -1.98 0.43 32.31
N GLN B 152 -1.03 -0.49 32.44
CA GLN B 152 -0.30 -0.62 33.69
C GLN B 152 0.77 0.46 33.85
N PHE B 153 1.52 0.75 32.80
CA PHE B 153 2.58 1.77 32.86
C PHE B 153 2.06 3.18 32.59
N SER B 154 0.86 3.51 33.09
CA SER B 154 0.28 4.82 32.85
C SER B 154 0.62 5.84 33.93
N GLU B 155 0.78 5.39 35.17
CA GLU B 155 1.15 6.28 36.26
C GLU B 155 1.93 5.48 37.29
N ASN B 156 2.85 6.17 37.98
CA ASN B 156 3.62 5.52 39.03
C ASN B 156 2.71 5.15 40.19
N ASN B 157 3.01 4.02 40.84
CA ASN B 157 2.21 3.52 41.95
C ASN B 157 3.14 2.82 42.93
N PRO B 158 3.59 3.54 43.97
CA PRO B 158 4.48 2.91 44.96
C PRO B 158 3.80 1.81 45.76
N HIS B 159 2.47 1.73 45.74
CA HIS B 159 1.73 0.68 46.44
C HIS B 159 0.75 0.02 45.47
N ALA B 160 1.29 -0.51 44.38
CA ALA B 160 0.49 -1.10 43.31
C ALA B 160 -0.03 -2.49 43.65
N GLU B 161 0.49 -3.14 44.69
CA GLU B 161 0.01 -4.47 45.05
C GLU B 161 -1.46 -4.45 45.49
N GLU B 162 -1.98 -3.28 45.87
CA GLU B 162 -3.37 -3.17 46.29
C GLU B 162 -4.35 -3.22 45.12
N MET B 163 -3.86 -3.12 43.87
CA MET B 163 -4.72 -3.22 42.70
C MET B 163 -5.06 -4.65 42.35
N GLY B 164 -4.44 -5.64 42.99
CA GLY B 164 -4.61 -7.03 42.63
C GLY B 164 -3.47 -7.53 41.77
N ILE B 165 -3.60 -8.78 41.34
CA ILE B 165 -2.55 -9.42 40.55
C ILE B 165 -2.36 -8.72 39.20
N GLU B 166 -3.29 -7.86 38.80
CA GLU B 166 -3.17 -7.13 37.55
C GLU B 166 -1.94 -6.25 37.50
N CYS B 167 -1.35 -5.91 38.66
CA CYS B 167 -0.26 -4.93 38.69
C CYS B 167 1.01 -5.46 38.02
N LEU B 168 1.22 -6.78 38.04
CA LEU B 168 2.44 -7.34 37.47
C LEU B 168 2.37 -7.52 35.96
N LEU B 169 1.26 -7.15 35.31
CA LEU B 169 1.21 -7.27 33.86
C LEU B 169 1.93 -6.08 33.21
N PRO B 170 2.65 -6.30 32.10
CA PRO B 170 2.94 -7.61 31.50
C PRO B 170 3.91 -8.41 32.34
N MET B 171 3.64 -9.71 32.49
CA MET B 171 4.44 -10.53 33.38
C MET B 171 5.73 -11.02 32.72
N THR B 172 6.49 -10.10 32.15
CA THR B 172 7.83 -10.43 31.66
C THR B 172 8.77 -10.59 32.84
N PRO B 173 9.89 -11.33 32.66
CA PRO B 173 10.82 -11.53 33.78
C PRO B 173 11.79 -10.38 33.94
N HIS B 174 11.47 -9.23 33.33
CA HIS B 174 12.38 -8.10 33.28
C HIS B 174 12.09 -7.07 34.37
N LYS B 175 11.58 -7.52 35.51
CA LYS B 175 11.36 -6.67 36.66
C LYS B 175 12.56 -6.78 37.61
N PHE B 176 12.51 -5.99 38.68
CA PHE B 176 13.54 -6.02 39.72
C PHE B 176 12.97 -6.69 40.96
N TYR B 177 13.61 -7.77 41.40
CA TYR B 177 13.11 -8.61 42.47
C TYR B 177 14.05 -8.52 43.68
N LYS B 178 13.48 -8.29 44.86
CA LYS B 178 14.26 -8.27 46.08
C LYS B 178 14.77 -9.68 46.38
N ARG B 179 16.09 -9.82 46.53
CA ARG B 179 16.68 -11.13 46.73
C ARG B 179 16.24 -11.74 48.06
N GLU B 180 16.08 -10.92 49.10
CA GLU B 180 15.61 -11.44 50.37
C GLU B 180 14.16 -11.93 50.30
N PHE B 181 13.36 -11.40 49.38
CA PHE B 181 11.99 -11.87 49.26
C PHE B 181 11.91 -13.16 48.46
N LEU B 182 12.76 -13.31 47.44
CA LEU B 182 12.76 -14.54 46.65
C LEU B 182 13.20 -15.74 47.50
N LEU B 183 14.22 -15.56 48.33
CA LEU B 183 14.67 -16.67 49.17
C LEU B 183 13.69 -16.95 50.30
N GLU B 184 13.02 -15.92 50.83
CA GLU B 184 12.08 -16.11 51.93
C GLU B 184 10.93 -17.02 51.52
N ASN B 185 10.38 -16.81 50.33
CA ASN B 185 9.27 -17.59 49.84
C ASN B 185 9.69 -18.66 48.85
N ASP B 186 11.00 -18.85 48.67
CA ASP B 186 11.57 -19.88 47.79
C ASP B 186 10.98 -19.78 46.38
N ILE B 187 11.06 -18.58 45.81
CA ILE B 187 10.54 -18.32 44.48
C ILE B 187 11.65 -18.54 43.47
N THR B 188 11.49 -19.55 42.61
CA THR B 188 12.51 -19.90 41.64
C THR B 188 11.85 -20.21 40.30
N PHE B 189 12.67 -20.22 39.25
CA PHE B 189 12.20 -20.63 37.94
C PHE B 189 11.98 -22.14 37.91
N ASP B 190 10.91 -22.57 37.24
CA ASP B 190 10.58 -23.99 37.18
C ASP B 190 11.71 -24.78 36.54
N ASP B 191 12.17 -25.80 37.25
CA ASP B 191 13.24 -26.68 36.77
C ASP B 191 12.67 -28.03 36.36
N GLY B 192 13.48 -28.80 35.62
CA GLY B 192 13.11 -30.12 35.20
C GLY B 192 12.34 -30.20 33.89
N ALA B 193 11.87 -29.06 33.37
CA ALA B 193 11.12 -29.07 32.12
C ALA B 193 11.17 -27.68 31.51
N ARG B 194 11.22 -27.64 30.17
CA ARG B 194 11.18 -26.37 29.44
C ARG B 194 9.73 -25.97 29.25
N VAL B 195 9.15 -25.43 30.33
CA VAL B 195 7.75 -25.00 30.32
C VAL B 195 7.67 -23.59 29.75
N LEU B 196 6.55 -23.31 29.09
CA LEU B 196 6.34 -22.01 28.48
C LEU B 196 5.61 -21.08 29.44
N TRP B 197 5.76 -19.77 29.20
CA TRP B 197 5.28 -18.75 30.12
C TRP B 197 5.89 -18.92 31.50
N GLU B 198 7.20 -19.23 31.53
CA GLU B 198 7.90 -19.38 32.80
C GLU B 198 7.81 -18.10 33.64
N ASP B 199 7.94 -16.95 32.99
CA ASP B 199 7.84 -15.67 33.70
C ASP B 199 6.45 -15.43 34.27
N VAL B 200 5.42 -16.08 33.75
CA VAL B 200 4.09 -15.94 34.34
C VAL B 200 4.02 -16.67 35.68
N TYR B 201 4.58 -17.89 35.73
CA TYR B 201 4.66 -18.60 37.00
C TYR B 201 5.44 -17.81 38.03
N PHE B 202 6.59 -17.27 37.63
CA PHE B 202 7.49 -16.58 38.56
C PHE B 202 6.81 -15.38 39.18
N ASN B 203 6.16 -14.54 38.37
CA ASN B 203 5.48 -13.36 38.89
C ASN B 203 4.25 -13.72 39.70
N SER B 204 3.55 -14.79 39.33
CA SER B 204 2.36 -15.19 40.09
C SER B 204 2.73 -15.75 41.45
N LYS B 205 3.85 -16.49 41.52
CA LYS B 205 4.32 -16.97 42.82
C LYS B 205 4.71 -15.82 43.72
N ALA B 206 5.28 -14.75 43.14
CA ALA B 206 5.66 -13.59 43.94
C ALA B 206 4.42 -12.90 44.51
N PHE B 207 3.42 -12.65 43.67
CA PHE B 207 2.24 -11.93 44.15
C PHE B 207 1.43 -12.75 45.14
N ILE B 208 1.22 -14.04 44.84
CA ILE B 208 0.44 -14.88 45.74
C ILE B 208 1.10 -14.99 47.12
N HIS B 209 2.39 -14.65 47.23
CA HIS B 209 3.09 -14.60 48.50
C HIS B 209 3.10 -13.18 49.09
N GLY B 210 2.10 -12.37 48.77
CA GLY B 210 1.99 -11.02 49.30
C GLY B 210 3.15 -10.12 48.92
N ALA B 211 3.45 -10.03 47.62
CA ALA B 211 4.57 -9.22 47.18
C ALA B 211 4.27 -7.73 47.30
N LYS B 212 5.26 -6.97 47.74
CA LYS B 212 5.17 -5.52 47.82
C LYS B 212 5.72 -4.96 46.51
N VAL B 213 4.82 -4.63 45.58
CA VAL B 213 5.21 -4.28 44.23
C VAL B 213 4.87 -2.81 43.96
N GLY B 214 5.72 -2.18 43.17
CA GLY B 214 5.48 -0.81 42.74
C GLY B 214 5.81 -0.65 41.27
N ILE B 215 5.10 0.26 40.61
CA ILE B 215 5.25 0.50 39.19
C ILE B 215 6.04 1.78 38.98
N LEU B 216 7.06 1.72 38.14
CA LEU B 216 7.88 2.88 37.78
C LEU B 216 7.64 3.16 36.30
N ALA B 217 6.74 4.10 36.02
CA ALA B 217 6.31 4.37 34.66
C ALA B 217 6.90 5.64 34.07
N ASP B 218 7.63 6.43 34.87
CA ASP B 218 8.14 7.72 34.41
C ASP B 218 9.50 7.62 33.73
N TYR B 219 10.09 6.43 33.66
CA TYR B 219 11.39 6.27 33.01
C TYR B 219 11.49 4.87 32.43
N PRO B 220 11.83 4.74 31.15
CA PRO B 220 11.98 3.40 30.55
C PRO B 220 13.16 2.67 31.17
N THR B 221 12.90 1.48 31.69
CA THR B 221 13.91 0.74 32.45
C THR B 221 14.53 -0.41 31.67
N TYR B 222 13.75 -1.14 30.88
CA TYR B 222 14.23 -2.36 30.24
C TYR B 222 13.75 -2.42 28.79
N TYR B 223 14.69 -2.63 27.89
CA TYR B 223 14.41 -2.78 26.46
C TYR B 223 14.54 -4.25 26.10
N TRP B 224 13.43 -4.84 25.64
CA TRP B 224 13.35 -6.27 25.34
C TRP B 224 13.45 -6.46 23.82
N ILE B 225 14.49 -7.14 23.37
CA ILE B 225 14.71 -7.34 21.94
C ILE B 225 13.96 -8.57 21.42
N ALA B 226 14.06 -9.70 22.12
CA ALA B 226 13.28 -10.89 21.80
C ALA B 226 13.55 -11.39 20.39
N THR B 227 14.65 -12.12 20.19
CA THR B 227 14.98 -12.68 18.89
C THR B 227 15.24 -14.18 19.00
N GLY B 236 7.93 -23.62 21.28
CA GLY B 236 6.81 -24.54 21.31
C GLY B 236 5.78 -24.33 20.22
N ARG B 237 6.07 -24.84 19.01
CA ARG B 237 5.18 -24.69 17.86
C ARG B 237 4.35 -25.93 17.58
N ASP B 238 4.64 -27.05 18.24
CA ASP B 238 3.82 -28.25 18.09
C ASP B 238 2.45 -28.01 18.73
N PRO B 239 1.35 -28.37 18.05
CA PRO B 239 0.02 -28.05 18.61
C PRO B 239 -0.32 -28.82 19.86
N HIS B 240 0.17 -30.06 19.99
CA HIS B 240 -0.11 -30.80 21.21
C HIS B 240 0.69 -30.25 22.38
N GLU B 241 1.93 -29.82 22.13
CA GLU B 241 2.72 -29.22 23.19
C GLU B 241 2.11 -27.90 23.65
N LYS B 242 1.72 -27.05 22.70
CA LYS B 242 1.12 -25.77 23.04
C LYS B 242 -0.04 -25.93 24.01
N TRP B 243 -1.00 -26.79 23.66
CA TRP B 243 -2.17 -26.96 24.51
C TRP B 243 -1.90 -27.80 25.74
N ASN B 244 -0.84 -28.62 25.74
CA ASN B 244 -0.40 -29.21 27.00
C ASN B 244 0.12 -28.12 27.93
N GLN B 245 0.85 -27.14 27.39
CA GLN B 245 1.36 -26.05 28.21
C GLN B 245 0.25 -25.11 28.65
N ILE B 246 -0.78 -24.91 27.81
CA ILE B 246 -1.90 -24.06 28.19
C ILE B 246 -2.67 -24.71 29.34
N ASN B 247 -2.85 -26.03 29.31
CA ASN B 247 -3.49 -26.72 30.42
C ASN B 247 -2.68 -26.59 31.70
N LYS B 248 -1.35 -26.65 31.59
CA LYS B 248 -0.52 -26.52 32.79
C LYS B 248 -0.70 -25.15 33.43
N LEU B 249 -0.72 -24.09 32.60
CA LEU B 249 -0.82 -22.74 33.13
C LEU B 249 -2.15 -22.53 33.85
N PHE B 250 -3.26 -22.95 33.23
CA PHE B 250 -4.56 -22.78 33.86
C PHE B 250 -4.67 -23.62 35.12
N ASN B 251 -4.12 -24.84 35.12
CA ASN B 251 -4.09 -25.64 36.33
C ASN B 251 -3.24 -24.99 37.41
N PHE B 252 -2.16 -24.32 37.02
CA PHE B 252 -1.36 -23.58 37.99
C PHE B 252 -2.14 -22.43 38.60
N PHE B 253 -3.02 -21.79 37.82
CA PHE B 253 -3.85 -20.73 38.35
C PHE B 253 -4.81 -21.25 39.42
N LYS B 254 -5.58 -22.28 39.08
CA LYS B 254 -6.63 -22.76 39.98
C LYS B 254 -6.07 -23.42 41.23
N ASP B 255 -4.83 -23.89 41.20
CA ASP B 255 -4.24 -24.58 42.35
C ASP B 255 -3.45 -23.67 43.27
N ASN B 256 -3.02 -22.49 42.80
CA ASN B 256 -2.13 -21.64 43.58
C ASN B 256 -2.71 -20.27 43.89
N ILE B 257 -3.56 -19.71 43.03
CA ILE B 257 -4.17 -18.42 43.30
C ILE B 257 -5.34 -18.63 44.26
N LYS B 258 -5.22 -18.07 45.47
CA LYS B 258 -6.21 -18.30 46.52
C LYS B 258 -7.26 -17.21 46.61
N GLU B 259 -6.88 -15.95 46.38
CA GLU B 259 -7.85 -14.87 46.45
C GLU B 259 -8.68 -14.83 45.18
N GLN B 260 -10.00 -14.75 45.34
CA GLN B 260 -10.91 -14.93 44.21
C GLN B 260 -10.74 -13.83 43.17
N ARG B 261 -10.49 -12.59 43.59
CA ARG B 261 -10.37 -11.48 42.65
C ARG B 261 -9.19 -11.70 41.71
N ASP B 262 -8.10 -12.29 42.20
CA ASP B 262 -6.95 -12.54 41.36
C ASP B 262 -7.14 -13.76 40.47
N LEU B 263 -7.88 -14.77 40.95
CA LEU B 263 -8.13 -15.95 40.14
C LEU B 263 -9.02 -15.62 38.94
N ASP B 264 -10.15 -14.95 39.18
CA ASP B 264 -11.07 -14.63 38.10
C ASP B 264 -10.40 -13.76 37.04
N PHE B 265 -9.56 -12.82 37.47
CA PHE B 265 -8.85 -11.98 36.51
C PHE B 265 -7.88 -12.82 35.68
N MET B 266 -7.05 -13.64 36.33
CA MET B 266 -6.06 -14.43 35.60
C MET B 266 -6.72 -15.43 34.67
N LEU B 267 -7.80 -16.08 35.12
CA LEU B 267 -8.57 -16.95 34.24
C LEU B 267 -9.11 -16.17 33.04
N THR B 268 -9.77 -15.05 33.32
CA THR B 268 -10.35 -14.23 32.25
C THR B 268 -9.28 -13.76 31.27
N HIS B 269 -8.22 -13.14 31.79
CA HIS B 269 -7.20 -12.54 30.93
C HIS B 269 -6.52 -13.57 30.04
N TRP B 270 -6.39 -14.81 30.52
CA TRP B 270 -5.70 -15.83 29.73
C TRP B 270 -6.67 -16.65 28.87
N TYR B 271 -7.89 -16.88 29.34
CA TYR B 271 -8.89 -17.50 28.47
C TYR B 271 -9.22 -16.59 27.30
N ARG B 272 -9.26 -15.28 27.52
CA ARG B 272 -9.55 -14.36 26.42
C ARG B 272 -8.41 -14.32 25.41
N SER B 273 -7.16 -14.24 25.89
CA SER B 273 -6.05 -13.95 25.01
C SER B 273 -5.45 -15.18 24.34
N ARG B 274 -5.45 -16.34 25.00
CA ARG B 274 -4.79 -17.51 24.45
C ARG B 274 -5.73 -18.62 23.99
N VAL B 275 -6.96 -18.65 24.48
CA VAL B 275 -7.90 -19.69 24.07
C VAL B 275 -8.83 -19.12 23.01
N LEU B 276 -9.59 -18.09 23.37
CA LEU B 276 -10.39 -17.39 22.38
C LEU B 276 -9.53 -16.69 21.34
N GLY B 277 -8.26 -16.42 21.66
CA GLY B 277 -7.38 -15.76 20.72
C GLY B 277 -7.16 -16.52 19.42
N ILE B 278 -7.53 -17.80 19.37
CA ILE B 278 -7.42 -18.56 18.14
C ILE B 278 -8.74 -18.66 17.38
N LEU B 279 -9.79 -18.00 17.87
CA LEU B 279 -11.10 -18.06 17.23
C LEU B 279 -11.38 -16.84 16.36
N GLY B 280 -10.37 -16.01 16.10
CA GLY B 280 -10.52 -14.87 15.21
C GLY B 280 -9.72 -15.02 13.93
N GLN B 281 -8.82 -14.07 13.66
CA GLN B 281 -8.06 -14.12 12.42
C GLN B 281 -7.16 -15.34 12.34
N TRP B 282 -6.84 -15.96 13.48
CA TRP B 282 -6.08 -17.20 13.48
C TRP B 282 -6.73 -18.24 12.57
N LEU B 283 -8.06 -18.32 12.59
CA LEU B 283 -8.77 -19.28 11.75
C LEU B 283 -8.53 -19.04 10.26
N LEU B 284 -8.18 -17.82 9.88
CA LEU B 284 -7.93 -17.50 8.48
C LEU B 284 -6.49 -17.72 8.05
N LYS B 285 -5.60 -18.08 8.98
CA LYS B 285 -4.17 -18.19 8.71
C LYS B 285 -3.62 -19.58 8.95
N ASN B 286 -4.48 -20.60 9.07
CA ASN B 286 -4.00 -21.95 9.34
C ASN B 286 -4.80 -22.95 8.52
N ASN B 287 -4.19 -24.11 8.25
CA ASN B 287 -4.86 -25.13 7.47
C ASN B 287 -5.89 -25.87 8.34
N ASN B 288 -6.81 -26.56 7.67
CA ASN B 288 -7.91 -27.23 8.37
C ASN B 288 -7.40 -28.27 9.36
N GLU B 289 -6.30 -28.96 9.03
CA GLU B 289 -5.76 -29.98 9.93
C GLU B 289 -5.32 -29.36 11.25
N ARG B 290 -4.58 -28.26 11.19
CA ARG B 290 -4.13 -27.61 12.41
C ARG B 290 -5.30 -27.01 13.18
N ILE B 291 -6.26 -26.41 12.46
CA ILE B 291 -7.42 -25.82 13.11
C ILE B 291 -8.18 -26.87 13.90
N ASP B 292 -8.47 -28.02 13.27
CA ASP B 292 -9.23 -29.07 13.94
C ASP B 292 -8.54 -29.52 15.22
N ILE B 293 -7.21 -29.58 15.22
CA ILE B 293 -6.49 -30.06 16.39
C ILE B 293 -6.58 -29.05 17.53
N GLU B 294 -6.27 -27.79 17.24
CA GLU B 294 -6.25 -26.79 18.31
C GLU B 294 -7.67 -26.45 18.76
N PHE B 295 -8.65 -26.47 17.85
CA PHE B 295 -10.02 -26.16 18.23
C PHE B 295 -10.57 -27.18 19.22
N ASN B 296 -10.30 -28.47 18.98
CA ASN B 296 -10.75 -29.49 19.92
C ASN B 296 -10.04 -29.37 21.27
N TYR B 297 -8.77 -28.96 21.26
CA TYR B 297 -8.10 -28.67 22.53
C TYR B 297 -8.75 -27.50 23.24
N ALA B 298 -9.01 -26.41 22.51
CA ALA B 298 -9.63 -25.23 23.12
C ALA B 298 -11.02 -25.57 23.65
N LYS B 299 -11.78 -26.38 22.92
CA LYS B 299 -13.08 -26.82 23.40
C LYS B 299 -12.94 -27.60 24.71
N LYS B 300 -12.01 -28.56 24.76
CA LYS B 300 -11.81 -29.37 25.96
C LYS B 300 -11.41 -28.50 27.15
N LEU B 301 -10.55 -27.50 26.91
CA LEU B 301 -10.07 -26.68 28.01
C LEU B 301 -11.16 -25.74 28.52
N ALA B 302 -12.00 -25.23 27.63
CA ALA B 302 -13.12 -24.40 28.05
C ALA B 302 -14.09 -25.20 28.90
N GLU B 303 -14.45 -26.41 28.45
CA GLU B 303 -15.41 -27.21 29.20
C GLU B 303 -14.84 -27.65 30.54
N GLU B 304 -13.61 -28.17 30.53
CA GLU B 304 -13.06 -28.78 31.74
C GLU B 304 -12.54 -27.77 32.74
N LEU B 305 -12.00 -26.64 32.30
CA LEU B 305 -11.27 -25.76 33.20
C LEU B 305 -11.88 -24.37 33.38
N ILE B 306 -12.63 -23.86 32.42
CA ILE B 306 -13.12 -22.48 32.47
C ILE B 306 -14.56 -22.51 32.99
N PRO B 307 -14.82 -21.96 34.18
CA PRO B 307 -16.21 -21.89 34.66
C PRO B 307 -17.05 -20.96 33.79
N ALA B 308 -18.36 -21.17 33.84
CA ALA B 308 -19.28 -20.43 32.99
C ALA B 308 -19.28 -18.94 33.30
N TYR B 309 -19.11 -18.57 34.57
CA TYR B 309 -19.21 -17.16 34.97
C TYR B 309 -18.07 -16.32 34.43
N ILE B 310 -17.04 -16.92 33.83
CA ILE B 310 -15.97 -16.14 33.21
C ILE B 310 -16.49 -15.41 31.98
N SER B 311 -17.50 -15.98 31.30
CA SER B 311 -18.05 -15.35 30.11
C SER B 311 -18.73 -14.01 30.42
N GLU B 312 -19.26 -13.85 31.64
CA GLU B 312 -19.88 -12.59 32.03
C GLU B 312 -18.90 -11.44 32.06
N ASN B 313 -17.61 -11.72 32.24
CA ASN B 313 -16.59 -10.68 32.26
C ASN B 313 -16.08 -10.32 30.87
N LEU B 314 -16.57 -11.00 29.84
CA LEU B 314 -16.09 -10.81 28.47
C LEU B 314 -17.00 -9.87 27.70
N ASP B 315 -16.41 -9.16 26.74
CA ASP B 315 -17.16 -8.31 25.85
C ASP B 315 -18.01 -9.14 24.89
N LYS B 316 -18.95 -8.46 24.22
CA LYS B 316 -19.94 -9.14 23.39
C LYS B 316 -19.30 -10.09 22.38
N ASN B 317 -18.31 -9.60 21.62
CA ASN B 317 -17.70 -10.42 20.58
C ASN B 317 -17.00 -11.64 21.16
N ASN B 318 -16.39 -11.50 22.33
CA ASN B 318 -15.75 -12.64 22.98
C ASN B 318 -16.76 -13.56 23.63
N GLN B 319 -17.92 -13.04 24.04
CA GLN B 319 -18.98 -13.93 24.49
C GLN B 319 -19.52 -14.77 23.34
N VAL B 320 -19.55 -14.21 22.14
CA VAL B 320 -19.98 -14.97 20.96
C VAL B 320 -19.03 -16.12 20.69
N LYS B 321 -17.72 -15.85 20.73
CA LYS B 321 -16.74 -16.90 20.49
C LYS B 321 -16.79 -17.95 21.60
N ASP B 322 -16.99 -17.53 22.84
CA ASP B 322 -17.11 -18.49 23.93
C ASP B 322 -18.32 -19.41 23.74
N TYR B 323 -19.47 -18.83 23.35
CA TYR B 323 -20.67 -19.63 23.17
C TYR B 323 -20.52 -20.64 22.04
N LEU B 324 -19.97 -20.20 20.90
CA LEU B 324 -19.82 -21.10 19.76
C LEU B 324 -18.73 -22.13 19.97
N LEU B 325 -17.67 -21.77 20.71
CA LEU B 325 -16.64 -22.76 21.03
C LEU B 325 -17.23 -23.92 21.81
N ARG B 326 -17.99 -23.61 22.88
CA ARG B 326 -18.60 -24.65 23.70
C ARG B 326 -19.66 -25.45 22.94
N GLN B 327 -20.23 -24.88 21.88
CA GLN B 327 -21.11 -25.63 21.01
C GLN B 327 -20.35 -26.52 20.03
N GLY B 328 -19.07 -26.26 19.80
CA GLY B 328 -18.36 -26.95 18.73
C GLY B 328 -18.71 -26.46 17.34
N ASP B 329 -19.30 -25.27 17.23
CA ASP B 329 -19.71 -24.71 15.95
C ASP B 329 -18.53 -24.00 15.30
N LEU B 330 -17.60 -24.82 14.79
CA LEU B 330 -16.42 -24.28 14.13
C LEU B 330 -16.78 -23.58 12.82
N ASP B 331 -17.81 -24.07 12.12
CA ASP B 331 -18.19 -23.46 10.84
C ASP B 331 -18.64 -22.02 11.02
N SER B 332 -19.32 -21.72 12.13
CA SER B 332 -19.79 -20.36 12.36
C SER B 332 -18.66 -19.44 12.79
N LEU B 333 -17.72 -19.96 13.59
CA LEU B 333 -16.55 -19.17 13.97
C LEU B 333 -15.69 -18.83 12.77
N LYS B 334 -15.57 -19.73 11.80
CA LYS B 334 -14.85 -19.44 10.58
C LYS B 334 -15.51 -18.29 9.81
N LYS B 335 -16.83 -18.37 9.64
CA LYS B 335 -17.53 -17.31 8.92
C LYS B 335 -17.45 -16.00 9.69
N LEU B 336 -17.60 -16.04 11.01
CA LEU B 336 -17.47 -14.82 11.82
C LEU B 336 -16.08 -14.20 11.68
N ALA B 337 -15.04 -15.04 11.53
CA ALA B 337 -13.69 -14.51 11.34
C ALA B 337 -13.57 -13.76 10.03
N GLN B 338 -14.26 -14.23 8.99
CA GLN B 338 -14.29 -13.50 7.73
C GLN B 338 -15.03 -12.18 7.86
N ILE B 339 -16.12 -12.17 8.64
CA ILE B 339 -16.91 -10.95 8.79
C ILE B 339 -16.14 -9.91 9.60
N ASP B 340 -15.41 -10.35 10.64
CA ASP B 340 -14.66 -9.44 11.49
C ASP B 340 -13.36 -8.94 10.88
N ALA B 341 -12.89 -9.55 9.80
CA ALA B 341 -11.54 -9.29 9.32
C ALA B 341 -11.39 -7.86 8.82
N GLY B 342 -10.35 -7.18 9.27
CA GLY B 342 -9.99 -5.87 8.77
C GLY B 342 -10.61 -4.71 9.50
N ILE B 343 -11.44 -4.95 10.51
CA ILE B 343 -12.07 -3.86 11.24
C ILE B 343 -11.00 -3.06 11.98
N THR B 344 -10.99 -1.76 11.75
CA THR B 344 -9.94 -0.91 12.30
C THR B 344 -10.43 0.53 12.34
N ALA B 345 -9.57 1.42 12.85
CA ALA B 345 -9.88 2.84 12.91
C ALA B 345 -8.57 3.61 12.73
N LEU B 346 -8.42 4.26 11.58
CA LEU B 346 -7.22 5.01 11.25
C LEU B 346 -7.52 6.50 11.36
N SER B 347 -6.64 7.24 12.03
CA SER B 347 -6.84 8.67 12.22
C SER B 347 -6.17 9.46 11.10
N TYR B 348 -6.93 10.35 10.49
CA TYR B 348 -6.39 11.34 9.55
C TYR B 348 -6.15 12.66 10.29
N VAL B 349 -5.20 13.44 9.80
CA VAL B 349 -4.90 14.75 10.37
C VAL B 349 -5.80 15.79 9.72
N GLU B 350 -6.56 16.52 10.53
CA GLU B 350 -7.40 17.61 10.04
C GLU B 350 -6.70 18.96 10.08
N ASP B 351 -5.82 19.17 11.06
CA ASP B 351 -5.03 20.39 11.15
C ASP B 351 -3.84 20.13 12.06
N ALA B 352 -2.72 20.78 11.76
CA ALA B 352 -1.51 20.66 12.57
C ALA B 352 -0.75 21.98 12.48
N TYR B 353 -0.34 22.50 13.63
CA TYR B 353 0.31 23.80 13.66
C TYR B 353 1.01 23.99 15.01
N PHE B 354 2.09 24.76 14.97
CA PHE B 354 2.77 25.18 16.19
C PHE B 354 2.08 26.40 16.78
N LYS B 355 2.06 26.47 18.12
CA LYS B 355 1.53 27.62 18.82
C LYS B 355 2.29 27.76 20.14
N GLU B 356 2.80 28.95 20.40
CA GLU B 356 3.63 29.19 21.58
C GLU B 356 4.81 28.23 21.60
N ASP B 357 4.80 27.28 22.53
CA ASP B 357 5.90 26.33 22.68
C ASP B 357 5.47 24.88 22.44
N LYS B 358 4.33 24.68 21.80
CA LYS B 358 3.78 23.35 21.60
C LYS B 358 3.34 23.16 20.16
N LEU B 359 3.19 21.90 19.77
CA LEU B 359 2.67 21.51 18.47
C LEU B 359 1.27 20.98 18.67
N PHE B 360 0.30 21.59 17.99
CA PHE B 360 -1.11 21.25 18.15
C PHE B 360 -1.60 20.39 16.99
N PHE B 361 -2.49 19.45 17.31
CA PHE B 361 -3.05 18.53 16.33
C PHE B 361 -4.56 18.48 16.44
N LYS B 362 -5.20 18.26 15.31
CA LYS B 362 -6.64 18.01 15.24
C LYS B 362 -6.84 16.82 14.33
N THR B 363 -7.38 15.73 14.86
CA THR B 363 -7.48 14.49 14.12
C THR B 363 -8.92 14.00 14.10
N SER B 364 -9.19 13.11 13.14
CA SER B 364 -10.51 12.52 12.95
C SER B 364 -10.34 11.07 12.55
N THR B 365 -11.32 10.24 12.93
CA THR B 365 -11.26 8.82 12.59
C THR B 365 -12.66 8.27 12.42
N LYS B 366 -12.72 7.09 11.79
CA LYS B 366 -13.96 6.38 11.56
C LYS B 366 -13.64 4.89 11.48
N MET B 367 -14.49 4.07 12.09
CA MET B 367 -14.27 2.63 12.05
C MET B 367 -14.50 2.12 10.63
N THR B 368 -13.52 1.38 10.10
CA THR B 368 -13.55 0.97 8.70
C THR B 368 -13.12 -0.48 8.57
N TYR B 369 -13.22 -1.00 7.35
CA TYR B 369 -12.52 -2.21 6.94
C TYR B 369 -11.29 -1.79 6.15
N GLU B 370 -10.12 -1.93 6.75
CA GLU B 370 -8.84 -1.61 6.08
C GLU B 370 -8.75 -0.16 5.62
N ASP B 371 -9.40 0.76 6.34
CA ASP B 371 -9.47 2.18 5.98
C ASP B 371 -10.06 2.38 4.58
N LYS B 372 -10.98 1.49 4.19
CA LYS B 372 -11.75 1.67 2.98
C LYS B 372 -13.20 1.98 3.36
N GLU B 373 -14.14 1.11 3.01
CA GLU B 373 -15.55 1.39 3.27
C GLU B 373 -15.83 1.35 4.77
N ASP B 374 -16.95 1.96 5.15
CA ASP B 374 -17.25 2.17 6.56
C ASP B 374 -17.63 0.87 7.26
N PHE B 375 -17.27 0.77 8.54
CA PHE B 375 -17.83 -0.23 9.43
C PHE B 375 -19.21 0.22 9.88
N PHE B 376 -20.19 -0.67 9.79
CA PHE B 376 -21.57 -0.36 10.13
C PHE B 376 -22.05 -1.23 11.28
N ILE B 377 -23.02 -0.70 12.03
CA ILE B 377 -23.84 -1.47 12.95
C ILE B 377 -25.30 -1.13 12.64
N GLU B 378 -26.20 -2.07 12.94
CA GLU B 378 -27.59 -2.00 12.53
C GLU B 378 -28.49 -1.72 13.71
N LYS B 379 -29.50 -0.88 13.48
CA LYS B 379 -30.53 -0.61 14.48
C LYS B 379 -31.76 -1.45 14.16
N THR B 380 -32.15 -2.31 15.10
CA THR B 380 -33.38 -3.08 15.02
C THR B 380 -34.14 -2.86 16.31
N ALA B 381 -35.40 -2.42 16.20
CA ALA B 381 -36.16 -1.95 17.35
C ALA B 381 -35.35 -0.87 18.06
N ASP B 382 -35.04 -1.07 19.35
CA ASP B 382 -34.25 -0.11 20.11
C ASP B 382 -32.87 -0.64 20.47
N ARG B 383 -32.28 -1.47 19.62
CA ARG B 383 -30.95 -1.99 19.91
C ARG B 383 -30.06 -1.90 18.67
N MET B 384 -28.79 -1.55 18.91
CA MET B 384 -27.79 -1.41 17.84
C MET B 384 -27.13 -2.76 17.64
N GLU B 385 -27.57 -3.50 16.63
CA GLU B 385 -27.10 -4.86 16.42
C GLU B 385 -25.87 -4.91 15.53
N ARG B 386 -25.00 -5.86 15.84
CA ARG B 386 -23.90 -6.22 14.96
C ARG B 386 -24.46 -6.87 13.70
N ILE B 387 -23.94 -6.47 12.54
CA ILE B 387 -24.44 -6.97 11.26
C ILE B 387 -23.94 -8.40 11.04
N LEU B 388 -24.87 -9.35 11.00
CA LEU B 388 -24.57 -10.76 10.86
C LEU B 388 -25.58 -11.39 9.92
N PRO B 389 -25.23 -12.52 9.30
CA PRO B 389 -26.24 -13.28 8.57
C PRO B 389 -27.23 -13.91 9.53
N GLU B 390 -28.50 -13.99 9.09
CA GLU B 390 -29.52 -14.62 9.92
C GLU B 390 -29.20 -16.08 10.22
N GLU B 391 -28.36 -16.71 9.39
CA GLU B 391 -27.94 -18.08 9.66
C GLU B 391 -27.10 -18.16 10.93
N ILE B 392 -26.41 -17.08 11.29
CA ILE B 392 -25.63 -17.03 12.51
C ILE B 392 -26.34 -16.26 13.61
N LYS B 393 -27.10 -15.22 13.25
CA LYS B 393 -27.85 -14.45 14.25
C LYS B 393 -28.75 -15.35 15.08
N SER B 394 -29.38 -16.33 14.42
CA SER B 394 -30.35 -17.18 15.12
C SER B 394 -29.66 -18.22 16.01
N LYS B 395 -28.48 -18.70 15.62
CA LYS B 395 -27.75 -19.65 16.45
C LYS B 395 -27.29 -19.02 17.75
N LEU B 396 -27.21 -17.68 17.83
CA LEU B 396 -26.61 -17.01 18.96
C LEU B 396 -27.66 -16.57 19.97
N PRO B 397 -27.31 -16.53 21.26
CA PRO B 397 -28.15 -15.81 22.22
C PRO B 397 -28.31 -14.38 21.76
N LYS B 398 -29.57 -13.91 21.73
CA LYS B 398 -29.90 -12.69 21.01
C LYS B 398 -29.20 -11.46 21.55
N GLU B 399 -28.76 -11.48 22.81
CA GLU B 399 -28.14 -10.30 23.41
C GLU B 399 -26.63 -10.22 23.18
N PHE B 400 -26.01 -11.27 22.66
CA PHE B 400 -24.57 -11.27 22.48
C PHE B 400 -24.11 -10.42 21.30
N PHE B 401 -25.01 -10.02 20.40
CA PHE B 401 -24.69 -9.13 19.29
C PHE B 401 -25.41 -7.79 19.39
N ASP B 402 -25.78 -7.39 20.61
CA ASP B 402 -26.47 -6.14 20.88
C ASP B 402 -25.48 -5.18 21.55
N TYR B 403 -25.06 -4.15 20.81
CA TYR B 403 -24.03 -3.23 21.27
C TYR B 403 -24.60 -2.05 22.06
N SER B 404 -25.91 -2.04 22.33
CA SER B 404 -26.55 -0.87 22.94
C SER B 404 -25.85 -0.46 24.23
N ASP B 405 -25.55 -1.41 25.11
CA ASP B 405 -24.96 -1.06 26.39
C ASP B 405 -23.49 -0.66 26.30
N ASP B 406 -22.86 -0.73 25.12
CA ASP B 406 -21.45 -0.45 24.99
C ASP B 406 -21.15 0.84 24.23
N LEU B 407 -22.17 1.54 23.74
CA LEU B 407 -21.94 2.73 22.92
C LEU B 407 -21.39 3.91 23.70
N ALA B 408 -21.26 3.81 25.03
CA ALA B 408 -20.70 4.88 25.84
C ALA B 408 -19.27 4.59 26.27
N GLU B 409 -18.64 3.56 25.72
CA GLU B 409 -17.33 3.13 26.18
C GLU B 409 -16.23 3.34 25.14
N PHE B 410 -16.52 4.05 24.05
CA PHE B 410 -15.49 4.37 23.07
C PHE B 410 -14.42 5.25 23.69
N THR B 411 -13.16 4.95 23.36
CA THR B 411 -12.02 5.74 23.79
C THR B 411 -11.22 6.17 22.56
N TYR B 412 -10.51 7.29 22.71
CA TYR B 412 -9.81 7.91 21.57
C TYR B 412 -8.72 8.80 22.15
N GLU B 413 -7.48 8.32 22.11
CA GLU B 413 -6.35 8.95 22.77
C GLU B 413 -5.14 8.94 21.85
N PRO B 414 -4.23 9.91 22.01
CA PRO B 414 -3.03 9.94 21.16
C PRO B 414 -1.81 9.41 21.88
N SER B 415 -0.78 8.99 21.14
CA SER B 415 0.45 8.52 21.76
C SER B 415 1.63 9.02 20.94
N ILE B 416 2.82 8.89 21.52
CA ILE B 416 4.07 9.27 20.87
C ILE B 416 5.06 8.12 21.03
N LYS B 417 6.06 8.10 20.15
CA LYS B 417 7.10 7.08 20.22
C LYS B 417 8.39 7.66 19.68
N GLY B 418 9.50 7.37 20.37
CA GLY B 418 10.81 7.76 19.90
C GLY B 418 11.36 6.70 18.97
N ARG B 419 11.81 7.12 17.78
CA ARG B 419 12.26 6.15 16.80
C ARG B 419 13.59 5.51 17.18
N ASN B 420 14.45 6.25 17.88
CA ASN B 420 15.74 5.72 18.30
C ASN B 420 15.63 4.96 19.62
N SER B 421 15.01 5.57 20.64
CA SER B 421 14.87 4.89 21.92
C SER B 421 13.81 3.79 21.88
N ARG B 422 12.86 3.87 20.95
CA ARG B 422 11.74 2.94 20.82
C ARG B 422 10.82 2.96 22.04
N ALA B 423 10.93 3.98 22.88
CA ALA B 423 10.03 4.13 24.01
C ALA B 423 8.74 4.81 23.58
N THR B 424 7.62 4.42 24.20
CA THR B 424 6.32 4.95 23.85
C THR B 424 5.68 5.60 25.07
N TRP B 425 4.95 6.69 24.83
CA TRP B 425 4.24 7.40 25.89
C TRP B 425 2.88 7.83 25.38
N LYS B 426 1.95 8.00 26.30
CA LYS B 426 0.65 8.59 25.99
C LYS B 426 0.74 10.11 26.06
N ILE B 427 0.09 10.77 25.10
CA ILE B 427 0.06 12.23 25.06
C ILE B 427 -0.96 12.70 26.10
N ASP B 428 -0.47 13.28 27.19
CA ASP B 428 -1.36 13.72 28.26
C ASP B 428 -2.19 14.93 27.82
N GLY B 429 -3.39 15.04 28.39
CA GLY B 429 -4.22 16.21 28.20
C GLY B 429 -4.85 16.34 26.83
N SER B 430 -5.59 15.33 26.41
CA SER B 430 -6.28 15.34 25.13
C SER B 430 -7.78 15.52 25.33
N THR B 431 -8.44 15.98 24.27
CA THR B 431 -9.90 16.10 24.23
C THR B 431 -10.40 15.35 23.03
N SER B 432 -11.46 14.56 23.22
CA SER B 432 -11.98 13.71 22.15
C SER B 432 -13.47 13.53 22.31
N ASN B 433 -14.13 13.17 21.21
CA ASN B 433 -15.56 12.91 21.20
C ASN B 433 -15.85 11.87 20.12
N VAL B 434 -16.64 10.86 20.47
CA VAL B 434 -17.02 9.78 19.55
C VAL B 434 -18.52 9.81 19.37
N GLU B 435 -18.97 9.63 18.13
CA GLU B 435 -20.38 9.74 17.78
C GLU B 435 -20.81 8.56 16.91
N VAL B 436 -21.98 8.02 17.21
CA VAL B 436 -22.63 7.02 16.39
C VAL B 436 -23.61 7.74 15.46
N VAL B 437 -23.27 7.81 14.17
CA VAL B 437 -24.00 8.61 13.19
C VAL B 437 -24.75 7.67 12.26
N ASN B 438 -26.02 7.99 12.00
CA ASN B 438 -26.80 7.30 10.99
C ASN B 438 -26.35 7.76 9.60
N LYS B 439 -25.80 6.84 8.81
CA LYS B 439 -25.34 7.20 7.48
C LYS B 439 -26.43 7.03 6.43
N LYS B 440 -27.14 5.90 6.45
CA LYS B 440 -28.18 5.62 5.47
C LYS B 440 -29.04 4.50 6.03
N ALA B 441 -30.33 4.55 5.74
CA ALA B 441 -31.32 3.57 6.21
C ALA B 441 -31.13 3.40 7.71
N ASN B 442 -31.02 2.18 8.23
CA ASN B 442 -30.78 1.94 9.64
C ASN B 442 -29.32 1.62 9.95
N LEU B 443 -28.42 1.96 9.04
CA LEU B 443 -27.00 1.66 9.22
C LEU B 443 -26.33 2.84 9.93
N TYR B 444 -25.52 2.53 10.93
CA TYR B 444 -24.86 3.54 11.75
C TYR B 444 -23.35 3.31 11.72
N LYS B 445 -22.61 4.38 11.52
CA LYS B 445 -21.15 4.35 11.55
C LYS B 445 -20.65 5.00 12.83
N ILE B 446 -19.37 4.77 13.12
CA ILE B 446 -18.73 5.24 14.33
C ILE B 446 -17.61 6.21 13.94
N GLU B 447 -17.75 7.47 14.35
CA GLU B 447 -16.83 8.53 13.98
C GLU B 447 -16.34 9.23 15.24
N GLY B 448 -15.09 9.70 15.19
CA GLY B 448 -14.51 10.40 16.32
C GLY B 448 -13.64 11.55 15.87
N GLU B 449 -13.45 12.50 16.78
CA GLU B 449 -12.56 13.62 16.57
C GLU B 449 -11.76 13.86 17.83
N MET B 450 -10.56 14.43 17.68
CA MET B 450 -9.67 14.62 18.81
C MET B 450 -8.82 15.86 18.61
N SER B 451 -8.48 16.50 19.72
CA SER B 451 -7.55 17.62 19.74
C SER B 451 -6.54 17.37 20.85
N PHE B 452 -5.27 17.63 20.57
CA PHE B 452 -4.22 17.47 21.56
C PHE B 452 -3.01 18.30 21.15
N SER B 453 -2.10 18.50 22.09
CA SER B 453 -0.86 19.22 21.84
C SER B 453 0.31 18.40 22.38
N VAL B 454 1.49 18.68 21.85
CA VAL B 454 2.70 17.94 22.19
C VAL B 454 3.72 18.90 22.78
N GLN B 455 4.20 18.58 23.98
CA GLN B 455 5.32 19.26 24.63
C GLN B 455 6.46 18.26 24.66
N ILE B 456 7.45 18.45 23.77
CA ILE B 456 8.48 17.45 23.56
C ILE B 456 9.41 17.30 24.76
N ASN B 457 9.44 18.29 25.65
CA ASN B 457 10.28 18.19 26.84
C ASN B 457 9.77 17.14 27.81
N ASP B 458 8.50 16.74 27.70
CA ASP B 458 7.94 15.73 28.60
C ASP B 458 8.50 14.33 28.34
N TYR B 459 9.20 14.13 27.23
CA TYR B 459 9.71 12.81 26.87
C TYR B 459 11.22 12.78 26.71
N ILE B 460 11.90 13.90 26.96
CA ILE B 460 13.36 13.95 26.92
C ILE B 460 13.87 13.48 28.28
N LEU B 461 14.53 12.32 28.30
CA LEU B 461 15.06 11.76 29.54
C LEU B 461 16.56 11.49 29.45
N ASP B 462 17.01 10.84 28.39
CA ASP B 462 18.44 10.69 28.15
C ASP B 462 18.93 11.81 27.23
N ALA B 463 20.26 11.98 27.19
CA ALA B 463 20.84 12.96 26.29
C ALA B 463 20.58 12.59 24.84
N ALA B 464 20.41 11.30 24.54
CA ALA B 464 20.16 10.87 23.17
C ALA B 464 18.76 11.25 22.69
N ASP B 465 17.86 11.62 23.60
CA ASP B 465 16.52 12.02 23.21
C ASP B 465 16.46 13.43 22.62
N LYS B 466 17.43 14.29 22.93
CA LYS B 466 17.41 15.65 22.41
C LYS B 466 17.40 15.67 20.88
N LYS B 467 18.08 14.71 20.26
CA LYS B 467 18.22 14.65 18.81
C LYS B 467 17.77 13.27 18.33
N GLN B 468 16.46 13.13 18.08
CA GLN B 468 15.92 11.88 17.55
C GLN B 468 14.56 12.16 16.91
N PRO B 469 14.14 11.36 15.94
CA PRO B 469 12.80 11.51 15.39
C PRO B 469 11.75 10.92 16.32
N TRP B 470 10.54 11.45 16.20
CA TRP B 470 9.39 10.95 16.96
C TRP B 470 8.26 10.62 16.00
N ASP B 471 7.42 9.67 16.39
CA ASP B 471 6.30 9.22 15.57
C ASP B 471 5.01 9.29 16.38
N ILE B 472 3.99 9.97 15.81
CA ILE B 472 2.72 10.19 16.49
C ILE B 472 1.75 9.08 16.11
N ALA B 473 0.90 8.69 17.06
CA ALA B 473 -0.07 7.62 16.84
C ALA B 473 -1.34 7.92 17.64
N THR B 474 -2.42 7.24 17.27
CA THR B 474 -3.68 7.32 17.99
C THR B 474 -4.15 5.93 18.36
N ARG B 475 -4.94 5.83 19.42
CA ARG B 475 -5.44 4.56 19.94
C ARG B 475 -6.95 4.68 20.11
N PHE B 476 -7.70 3.90 19.34
CA PHE B 476 -9.16 3.96 19.33
C PHE B 476 -9.69 2.60 19.74
N THR B 477 -10.41 2.55 20.86
CA THR B 477 -11.04 1.32 21.33
C THR B 477 -12.54 1.48 21.34
N GLY B 478 -13.24 0.36 21.17
CA GLY B 478 -14.68 0.36 21.15
C GLY B 478 -15.26 -0.94 20.63
N LEU B 479 -16.41 -1.34 21.16
CA LEU B 479 -17.13 -2.53 20.69
C LEU B 479 -16.26 -3.79 20.77
N GLY B 480 -15.24 -3.77 21.62
CA GLY B 480 -14.32 -4.88 21.75
C GLY B 480 -13.07 -4.78 20.89
N TYR B 481 -13.03 -3.86 19.94
CA TYR B 481 -11.87 -3.69 19.07
C TYR B 481 -10.90 -2.68 19.67
N THR B 482 -9.64 -2.77 19.24
CA THR B 482 -8.59 -1.85 19.67
C THR B 482 -7.68 -1.60 18.48
N SER B 483 -7.67 -0.36 18.00
CA SER B 483 -6.87 0.07 16.87
C SER B 483 -5.90 1.14 17.36
N HIS B 484 -4.64 0.77 17.51
CA HIS B 484 -3.57 1.70 17.91
C HIS B 484 -2.62 1.78 16.73
N ARG B 485 -2.78 2.82 15.92
CA ARG B 485 -2.10 2.91 14.63
C ARG B 485 -1.49 4.30 14.47
N ALA B 486 -0.55 4.40 13.54
CA ALA B 486 0.16 5.65 13.31
C ALA B 486 -0.79 6.72 12.80
N LEU B 487 -0.58 7.95 13.25
CA LEU B 487 -1.32 9.08 12.74
C LEU B 487 -0.88 9.38 11.31
N THR B 488 -1.84 9.48 10.40
CA THR B 488 -1.52 9.60 8.97
C THR B 488 -2.14 10.87 8.40
N ILE B 489 -1.60 11.27 7.24
CA ILE B 489 -2.13 12.38 6.46
C ILE B 489 -1.83 12.09 5.00
N GLY B 490 -2.68 12.61 4.11
CA GLY B 490 -2.53 12.34 2.69
C GLY B 490 -1.81 13.43 1.94
N LYS B 491 -2.08 14.69 2.27
CA LYS B 491 -1.42 15.81 1.62
C LYS B 491 -0.03 16.02 2.20
N ILE B 492 0.83 16.64 1.40
CA ILE B 492 2.17 16.96 1.87
C ILE B 492 2.06 17.96 3.01
N LEU B 493 2.66 17.61 4.16
CA LEU B 493 2.66 18.44 5.35
C LEU B 493 4.10 18.64 5.78
N ILE B 494 4.54 19.91 5.83
CA ILE B 494 5.89 20.27 6.23
C ILE B 494 5.79 21.59 6.99
N LYS B 495 6.06 21.55 8.30
CA LYS B 495 6.02 22.75 9.12
C LYS B 495 7.18 22.75 10.11
N THR B 496 7.78 23.92 10.30
CA THR B 496 9.01 24.08 11.06
C THR B 496 8.81 24.98 12.27
N ALA B 497 9.70 24.82 13.25
CA ALA B 497 9.65 25.62 14.47
C ALA B 497 11.04 25.66 15.09
N LEU B 498 11.36 26.79 15.71
CA LEU B 498 12.62 26.98 16.45
C LEU B 498 12.24 27.45 17.85
N ILE B 499 12.13 26.51 18.79
CA ILE B 499 11.60 26.77 20.13
C ILE B 499 12.70 26.45 21.13
N ASN B 500 13.28 27.49 21.74
CA ASN B 500 14.19 27.36 22.86
C ASN B 500 15.35 26.40 22.54
N ASN B 501 16.13 26.79 21.53
CA ASN B 501 17.30 26.04 21.08
C ASN B 501 16.94 24.63 20.62
N LYS B 502 15.72 24.44 20.12
CA LYS B 502 15.28 23.14 19.62
C LYS B 502 14.64 23.34 18.25
N THR B 503 15.29 22.81 17.22
CA THR B 503 14.70 22.77 15.89
C THR B 503 13.66 21.65 15.85
N MET B 504 12.46 21.97 15.36
CA MET B 504 11.36 21.01 15.29
C MET B 504 10.73 21.06 13.91
N ILE B 505 10.49 19.88 13.33
CA ILE B 505 9.92 19.76 11.99
C ILE B 505 8.87 18.66 12.04
N VAL B 506 7.60 19.04 11.96
CA VAL B 506 6.51 18.07 11.82
C VAL B 506 6.25 17.86 10.34
N TYR B 507 6.15 16.60 9.92
CA TYR B 507 6.08 16.31 8.50
C TYR B 507 5.44 14.95 8.26
N LYS B 508 4.85 14.81 7.09
CA LYS B 508 4.43 13.50 6.60
C LYS B 508 5.65 12.79 6.02
N ASN B 509 5.98 11.61 6.55
CA ASN B 509 7.16 10.90 6.10
C ASN B 509 6.84 10.09 4.84
N ALA B 510 7.84 9.37 4.34
CA ALA B 510 7.68 8.64 3.09
C ALA B 510 6.58 7.59 3.16
N SER B 511 6.21 7.13 4.35
CA SER B 511 5.15 6.15 4.52
C SER B 511 3.77 6.78 4.64
N GLY B 512 3.68 8.10 4.63
CA GLY B 512 2.41 8.77 4.85
C GLY B 512 2.04 8.93 6.31
N LEU B 513 2.97 8.70 7.23
CA LEU B 513 2.74 8.83 8.66
C LEU B 513 3.35 10.14 9.16
N ILE B 514 2.87 10.58 10.32
CA ILE B 514 3.29 11.86 10.90
C ILE B 514 4.53 11.63 11.76
N SER B 515 5.62 12.30 11.41
CA SER B 515 6.84 12.25 12.19
C SER B 515 7.19 13.63 12.71
N LEU B 516 7.92 13.67 13.81
CA LEU B 516 8.36 14.91 14.44
C LEU B 516 9.87 14.84 14.66
N ASP B 517 10.62 15.60 13.87
CA ASP B 517 12.08 15.61 13.93
C ASP B 517 12.54 16.76 14.82
N VAL B 518 13.24 16.43 15.90
CA VAL B 518 13.77 17.42 16.83
C VAL B 518 15.28 17.31 16.84
N GLY B 519 15.96 18.35 16.39
CA GLY B 519 17.41 18.37 16.35
C GLY B 519 18.04 18.08 15.01
N SER B 520 17.29 18.21 13.91
CA SER B 520 17.80 17.94 12.56
C SER B 520 18.40 16.54 12.48
N SER B 521 17.68 15.57 13.03
CA SER B 521 18.13 14.18 12.98
C SER B 521 17.86 13.52 11.62
N VAL B 522 16.92 14.04 10.84
CA VAL B 522 16.61 13.47 9.54
C VAL B 522 16.51 14.56 8.47
N ARG B 523 16.10 15.76 8.84
CA ARG B 523 15.79 16.81 7.88
C ARG B 523 16.49 18.12 8.26
N SER B 524 16.64 18.98 7.25
CA SER B 524 17.30 20.27 7.42
C SER B 524 16.28 21.35 7.73
N ILE B 525 16.50 22.08 8.82
CA ILE B 525 15.56 23.12 9.22
C ILE B 525 15.56 24.27 8.22
N VAL B 526 16.72 24.59 7.65
CA VAL B 526 16.79 25.67 6.67
C VAL B 526 16.04 25.30 5.40
N GLU B 527 16.15 24.04 4.97
CA GLU B 527 15.51 23.60 3.74
C GLU B 527 13.99 23.71 3.85
N ASP B 528 13.41 23.12 4.90
CA ASP B 528 11.96 23.06 5.00
C ASP B 528 11.34 24.40 5.38
N SER B 529 12.15 25.33 5.91
CA SER B 529 11.63 26.66 6.25
C SER B 529 11.61 27.58 5.04
N GLY B 530 12.59 27.45 4.15
CA GLY B 530 12.73 28.34 3.02
C GLY B 530 13.62 29.53 3.33
N VAL B 531 14.16 30.12 2.26
CA VAL B 531 15.04 31.27 2.35
C VAL B 531 14.58 32.31 1.33
N LYS B 532 14.44 33.56 1.77
CA LYS B 532 14.09 34.66 0.88
C LYS B 532 15.38 35.26 0.34
N ARG B 533 15.83 34.73 -0.81
CA ARG B 533 17.06 35.23 -1.41
C ARG B 533 16.98 36.72 -1.71
N GLU B 534 15.77 37.23 -1.98
CA GLU B 534 15.52 38.64 -2.22
C GLU B 534 15.46 39.46 -0.93
N GLN B 535 15.97 38.90 0.18
CA GLN B 535 15.94 39.57 1.47
C GLN B 535 17.24 39.39 2.24
N ILE B 536 18.31 38.99 1.58
CA ILE B 536 19.56 38.70 2.28
C ILE B 536 20.23 40.00 2.71
N LEU B 537 20.98 39.93 3.82
CA LEU B 537 21.75 41.05 4.34
C LEU B 537 23.20 40.64 4.44
N ILE B 538 24.09 41.44 3.85
CA ILE B 538 25.51 41.12 3.80
C ILE B 538 26.30 42.37 4.18
N ASP B 539 27.18 42.23 5.17
CA ASP B 539 28.05 43.31 5.65
C ASP B 539 29.49 42.82 5.56
N LYS B 540 30.24 43.36 4.61
CA LYS B 540 31.62 42.89 4.39
C LYS B 540 32.56 43.38 5.49
N THR B 541 32.24 44.51 6.13
CA THR B 541 33.11 45.04 7.18
C THR B 541 33.19 44.08 8.36
N SER B 542 32.02 43.68 8.89
CA SER B 542 31.97 42.77 10.02
C SER B 542 32.19 41.31 9.62
N GLY B 543 32.19 41.00 8.33
CA GLY B 543 32.32 39.64 7.88
C GLY B 543 31.17 38.77 8.35
N LYS B 544 29.94 39.17 8.01
CA LYS B 544 28.75 38.53 8.52
C LYS B 544 27.67 38.55 7.46
N VAL B 545 27.15 37.38 7.10
CA VAL B 545 26.07 37.23 6.14
C VAL B 545 24.82 36.84 6.91
N THR B 546 23.78 37.65 6.81
CA THR B 546 22.53 37.42 7.54
C THR B 546 21.52 36.78 6.58
N ILE B 547 21.21 35.51 6.81
CA ILE B 547 20.27 34.77 5.97
C ILE B 547 18.96 34.56 6.74
N PRO B 548 17.92 35.33 6.46
CA PRO B 548 16.64 35.11 7.13
C PRO B 548 15.96 33.85 6.65
N LEU B 549 14.97 33.41 7.43
CA LEU B 549 14.20 32.20 7.13
C LEU B 549 12.77 32.58 6.77
N ASN B 550 12.23 31.91 5.75
CA ASN B 550 10.94 32.27 5.19
C ASN B 550 9.80 31.97 6.15
N GLU B 551 9.40 30.71 6.25
CA GLU B 551 8.27 30.28 7.06
C GLU B 551 8.78 29.41 8.20
N ILE B 552 8.54 29.86 9.44
CA ILE B 552 8.97 29.13 10.62
C ILE B 552 8.28 29.74 11.83
N HIS B 553 8.01 28.91 12.84
CA HIS B 553 7.38 29.37 14.08
C HIS B 553 8.49 29.54 15.12
N VAL B 554 8.88 30.79 15.36
CA VAL B 554 9.96 31.10 16.29
C VAL B 554 9.35 31.53 17.61
N PHE B 555 9.90 30.98 18.70
CA PHE B 555 9.41 31.25 20.05
C PHE B 555 10.57 31.08 21.02
N GLY B 556 10.92 32.16 21.72
CA GLY B 556 12.05 32.13 22.62
C GLY B 556 13.35 32.54 21.96
N GLU B 557 14.44 32.33 22.68
CA GLU B 557 15.78 32.61 22.17
C GLU B 557 16.50 31.30 21.87
N SER B 558 17.15 31.24 20.70
CA SER B 558 17.82 30.04 20.24
C SER B 558 19.18 30.38 19.68
N LEU B 559 20.17 29.53 19.96
CA LEU B 559 21.53 29.68 19.44
C LEU B 559 22.08 28.28 19.16
N ILE B 560 22.08 27.90 17.88
CA ILE B 560 22.58 26.60 17.45
C ILE B 560 23.88 26.84 16.68
N GLU B 561 24.96 26.21 17.13
CA GLU B 561 26.27 26.39 16.51
C GLU B 561 26.37 25.53 15.26
N GLY B 562 26.63 26.17 14.12
CA GLY B 562 26.79 25.45 12.88
C GLY B 562 27.95 25.95 12.04
N ASN B 563 27.95 25.64 10.76
CA ASN B 563 28.98 26.13 9.84
C ASN B 563 28.39 26.16 8.44
N ALA B 564 29.23 26.49 7.46
CA ALA B 564 28.77 26.64 6.09
C ALA B 564 29.92 26.30 5.14
N GLU B 565 29.64 26.38 3.84
CA GLU B 565 30.64 26.09 2.82
C GLU B 565 30.50 27.11 1.70
N LEU B 566 31.65 27.49 1.12
CA LEU B 566 31.69 28.48 0.06
C LEU B 566 32.40 27.90 -1.15
N LYS B 567 31.84 28.16 -2.33
CA LYS B 567 32.38 27.72 -3.61
C LYS B 567 32.08 28.80 -4.64
N PRO B 568 33.04 29.17 -5.48
CA PRO B 568 32.80 30.26 -6.44
C PRO B 568 31.79 29.86 -7.51
N VAL B 569 30.88 30.79 -7.80
CA VAL B 569 29.89 30.57 -8.85
C VAL B 569 30.59 30.63 -10.20
N GLY B 570 30.51 29.53 -10.96
CA GLY B 570 31.19 29.45 -12.24
C GLY B 570 32.24 28.36 -12.25
N ILE B 571 33.30 28.54 -11.46
CA ILE B 571 34.31 27.50 -11.31
C ILE B 571 33.69 26.30 -10.61
N SER B 572 33.94 25.11 -11.14
CA SER B 572 33.30 23.89 -10.66
C SER B 572 34.23 22.97 -9.87
N ASP B 573 35.55 23.16 -9.96
CA ASP B 573 36.50 22.28 -9.28
C ASP B 573 37.43 23.07 -8.38
N ALA B 574 36.91 24.11 -7.73
CA ALA B 574 37.68 24.82 -6.72
C ALA B 574 37.52 24.11 -5.37
N ASP B 575 38.59 24.11 -4.58
CA ASP B 575 38.55 23.41 -3.30
C ASP B 575 37.55 24.08 -2.37
N PRO B 576 36.75 23.31 -1.64
CA PRO B 576 35.72 23.91 -0.78
C PRO B 576 36.33 24.65 0.41
N ILE B 577 35.72 25.78 0.74
CA ILE B 577 36.14 26.61 1.87
C ILE B 577 35.10 26.47 2.97
N ASN B 578 35.48 25.83 4.07
CA ASN B 578 34.59 25.62 5.19
C ASN B 578 34.63 26.82 6.12
N VAL B 579 33.46 27.31 6.50
CA VAL B 579 33.31 28.58 7.23
C VAL B 579 32.27 28.39 8.34
N LYS B 580 32.59 28.86 9.54
CA LYS B 580 31.68 28.72 10.67
C LYS B 580 30.48 29.66 10.52
N ALA B 581 29.35 29.23 11.09
CA ALA B 581 28.10 29.98 11.03
C ALA B 581 27.32 29.73 12.31
N LYS B 582 26.09 30.25 12.36
CA LYS B 582 25.24 30.10 13.54
C LYS B 582 23.78 30.27 13.12
N LEU B 583 22.91 29.52 13.78
CA LEU B 583 21.47 29.65 13.61
C LEU B 583 20.89 30.40 14.79
N ILE B 584 20.31 31.58 14.53
CA ILE B 584 19.82 32.48 15.56
C ILE B 584 18.30 32.54 15.46
N GLY B 585 17.63 32.41 16.60
CA GLY B 585 16.19 32.62 16.66
C GLY B 585 15.83 33.60 17.76
N GLU B 586 15.30 34.75 17.39
CA GLU B 586 14.95 35.78 18.37
C GLU B 586 13.77 36.59 17.86
N ALA B 587 12.91 37.00 18.79
CA ALA B 587 11.81 37.92 18.52
C ALA B 587 10.92 37.42 17.39
N ASN B 588 10.50 36.16 17.50
CA ASN B 588 9.56 35.53 16.57
C ASN B 588 10.09 35.46 15.14
N LYS B 589 11.41 35.56 14.96
CA LYS B 589 12.00 35.44 13.63
C LYS B 589 13.31 34.66 13.74
N ALA B 590 13.61 33.88 12.70
CA ALA B 590 14.81 33.07 12.64
C ALA B 590 15.69 33.54 11.49
N ARG B 591 16.98 33.23 11.61
CA ARG B 591 17.96 33.62 10.59
C ARG B 591 19.26 32.86 10.85
N VAL B 592 20.03 32.70 9.79
CA VAL B 592 21.35 32.08 9.84
C VAL B 592 22.40 33.16 9.56
N GLU B 593 23.38 33.28 10.45
CA GLU B 593 24.45 34.25 10.31
C GLU B 593 25.78 33.53 10.08
N VAL B 594 26.40 33.78 8.93
CA VAL B 594 27.68 33.19 8.53
C VAL B 594 28.78 34.20 8.79
N LEU B 595 29.95 33.71 9.23
CA LEU B 595 31.05 34.56 9.69
C LEU B 595 32.28 34.21 8.84
N LEU B 596 32.71 35.16 8.01
CA LEU B 596 33.59 34.83 6.91
C LEU B 596 35.00 35.37 7.03
N GLY B 597 35.21 36.40 7.85
CA GLY B 597 36.38 37.26 7.73
C GLY B 597 37.75 36.72 8.07
N ASP B 598 38.12 35.56 7.53
CA ASP B 598 39.49 35.07 7.59
C ASP B 598 40.11 34.87 6.22
N GLU B 599 39.30 34.85 5.16
CA GLU B 599 39.78 34.73 3.79
C GLU B 599 39.21 35.90 2.98
N LYS B 600 39.88 36.22 1.88
CA LYS B 600 39.46 37.30 1.01
C LYS B 600 38.63 36.73 -0.15
N LEU B 601 37.60 37.48 -0.56
CA LEU B 601 36.71 37.01 -1.60
C LEU B 601 36.01 38.20 -2.25
N SER B 602 35.77 38.06 -3.56
CA SER B 602 34.93 39.00 -4.29
C SER B 602 34.40 38.27 -5.52
N GLY B 603 33.11 38.42 -5.78
CA GLY B 603 32.44 37.72 -6.85
C GLY B 603 31.21 37.02 -6.33
N GLU B 604 30.74 36.02 -7.08
CA GLU B 604 29.57 35.24 -6.71
C GLU B 604 30.00 33.88 -6.18
N TYR B 605 29.44 33.50 -5.02
CA TYR B 605 29.81 32.26 -4.35
C TYR B 605 28.57 31.46 -3.99
N HIS B 606 28.71 30.14 -3.96
CA HIS B 606 27.68 29.24 -3.47
C HIS B 606 27.81 29.12 -1.96
N LEU B 607 26.72 29.39 -1.24
CA LEU B 607 26.69 29.32 0.21
C LEU B 607 25.76 28.19 0.62
N VAL B 608 26.33 27.14 1.20
CA VAL B 608 25.58 25.97 1.65
C VAL B 608 25.69 25.92 3.18
N THR B 609 24.57 26.14 3.86
CA THR B 609 24.54 26.04 5.31
C THR B 609 24.67 24.58 5.74
N ASN B 610 25.17 24.38 6.97
CA ASN B 610 25.30 23.06 7.56
C ASN B 610 24.98 23.18 9.06
N ILE B 611 23.70 23.33 9.36
CA ILE B 611 23.21 23.46 10.72
C ILE B 611 22.89 22.07 11.26
N GLN B 612 23.60 21.66 12.32
CA GLN B 612 23.41 20.37 12.97
C GLN B 612 23.64 19.21 12.01
N GLY B 613 24.53 19.39 11.03
CA GLY B 613 24.87 18.32 10.11
C GLY B 613 23.83 18.03 9.06
N LYS B 614 23.06 19.04 8.65
CA LYS B 614 22.05 18.90 7.60
C LYS B 614 22.17 20.09 6.66
N LYS B 615 22.71 19.85 5.47
CA LYS B 615 22.89 20.90 4.49
C LYS B 615 21.59 21.26 3.80
N ASP B 616 21.49 22.51 3.37
CA ASP B 616 20.32 22.96 2.64
C ASP B 616 20.52 22.81 1.14
N LYS B 617 19.42 22.99 0.39
CA LYS B 617 19.42 22.92 -1.06
C LYS B 617 18.67 24.12 -1.64
N GLN B 618 18.89 25.29 -1.04
CA GLN B 618 18.12 26.49 -1.38
C GLN B 618 18.80 27.34 -2.46
N GLN B 619 19.92 26.88 -3.02
CA GLN B 619 20.61 27.57 -4.10
C GLN B 619 20.97 29.00 -3.71
N ILE B 620 21.71 29.12 -2.62
CA ILE B 620 22.09 30.42 -2.07
C ILE B 620 23.36 30.91 -2.76
N LYS B 621 23.27 32.10 -3.34
CA LYS B 621 24.40 32.72 -4.03
C LYS B 621 24.62 34.12 -3.46
N ILE B 622 25.88 34.43 -3.15
CA ILE B 622 26.25 35.71 -2.54
C ILE B 622 27.17 36.46 -3.49
N THR B 623 26.90 37.74 -3.68
CA THR B 623 27.74 38.57 -4.55
C THR B 623 28.80 39.34 -3.75
#